data_2LHU
#
_entry.id   2LHU
#
_entity_poly.entity_id   1
_entity_poly.type   'polypeptide(L)'
_entity_poly.pdbx_seq_one_letter_code
;MGSSHHHHHHSSGLVPRGSHMHEAIGSGDLDLRSAFRRTSLAGAGRRTSDSHEDAGTLDFSSLLKKRDSFRRDSKLEAPA
EEDVWEILRQAPPSEYERIAFQHGVTDLRGMLKRLKGMKQDEKK
;
_entity_poly.pdbx_strand_id   A
#
# COMPACT_ATOMS: atom_id res chain seq x y z
N GLU A 82 -1.33 1.36 10.58
CA GLU A 82 -2.49 2.14 10.17
C GLU A 82 -2.28 2.77 8.80
N ASP A 83 -1.03 3.08 8.48
CA ASP A 83 -0.69 3.68 7.20
C ASP A 83 -0.64 2.65 6.08
N VAL A 84 -0.55 3.12 4.85
CA VAL A 84 -0.48 2.23 3.70
C VAL A 84 0.80 1.41 3.71
N TRP A 85 1.92 2.08 3.89
CA TRP A 85 3.21 1.40 4.00
C TRP A 85 3.20 0.34 5.10
N GLU A 86 2.61 0.70 6.24
CA GLU A 86 2.57 -0.19 7.39
C GLU A 86 1.71 -1.42 7.11
N ILE A 87 0.55 -1.20 6.52
CA ILE A 87 -0.40 -2.27 6.25
C ILE A 87 0.12 -3.19 5.15
N LEU A 88 0.73 -2.60 4.13
CA LEU A 88 1.23 -3.36 2.99
C LEU A 88 2.17 -4.47 3.45
N ARG A 89 2.88 -4.23 4.53
CA ARG A 89 3.84 -5.20 5.06
C ARG A 89 3.19 -6.55 5.27
N GLN A 90 1.98 -6.54 5.83
CA GLN A 90 1.31 -7.77 6.22
C GLN A 90 0.12 -8.07 5.33
N ALA A 91 -0.25 -7.10 4.49
CA ALA A 91 -1.39 -7.24 3.61
C ALA A 91 -1.03 -8.04 2.36
N PRO A 92 -2.02 -8.72 1.79
CA PRO A 92 -1.84 -9.44 0.55
C PRO A 92 -1.70 -8.48 -0.62
N PRO A 93 -1.04 -8.94 -1.69
CA PRO A 93 -0.75 -8.09 -2.84
C PRO A 93 -2.03 -7.71 -3.58
N SER A 94 -3.08 -8.50 -3.38
CA SER A 94 -4.34 -8.28 -4.06
C SER A 94 -5.10 -7.10 -3.46
N GLU A 95 -4.75 -6.74 -2.23
CA GLU A 95 -5.46 -5.70 -1.50
C GLU A 95 -4.61 -4.44 -1.37
N TYR A 96 -3.48 -4.42 -2.06
CA TYR A 96 -2.56 -3.27 -2.02
C TYR A 96 -3.21 -2.03 -2.60
N GLU A 97 -4.06 -2.22 -3.61
CA GLU A 97 -4.80 -1.11 -4.20
C GLU A 97 -5.92 -0.65 -3.28
N ARG A 98 -6.56 -1.59 -2.60
CA ARG A 98 -7.67 -1.29 -1.71
C ARG A 98 -7.21 -0.50 -0.50
N ILE A 99 -6.00 -0.78 -0.03
CA ILE A 99 -5.41 -0.06 1.09
C ILE A 99 -4.91 1.31 0.65
N ALA A 100 -4.17 1.35 -0.45
CA ALA A 100 -3.62 2.59 -0.97
C ALA A 100 -4.72 3.60 -1.25
N PHE A 101 -5.74 3.18 -1.97
CA PHE A 101 -6.81 4.07 -2.40
C PHE A 101 -7.61 4.58 -1.20
N GLN A 102 -7.69 3.77 -0.16
CA GLN A 102 -8.42 4.14 1.04
C GLN A 102 -7.78 5.36 1.72
N HIS A 103 -6.48 5.49 1.58
CA HIS A 103 -5.74 6.57 2.23
C HIS A 103 -5.44 7.70 1.25
N GLY A 104 -5.92 7.55 0.02
CA GLY A 104 -5.75 8.58 -1.00
C GLY A 104 -4.38 8.47 -1.67
N VAL A 105 -3.80 7.28 -1.60
CA VAL A 105 -2.51 7.03 -2.25
C VAL A 105 -2.70 6.43 -3.63
N THR A 106 -2.23 7.16 -4.65
CA THR A 106 -2.38 6.71 -6.04
C THR A 106 -1.10 6.09 -6.55
N ASP A 107 0.03 6.52 -6.00
CA ASP A 107 1.33 5.97 -6.36
C ASP A 107 1.64 4.71 -5.56
N LEU A 108 0.96 3.62 -5.89
CA LEU A 108 1.19 2.34 -5.23
C LEU A 108 2.58 1.80 -5.55
N ARG A 109 3.01 1.98 -6.79
CA ARG A 109 4.32 1.49 -7.22
C ARG A 109 5.44 2.11 -6.41
N GLY A 110 5.36 3.42 -6.19
CA GLY A 110 6.33 4.13 -5.36
C GLY A 110 6.26 3.65 -3.92
N MET A 111 5.04 3.41 -3.43
CA MET A 111 4.84 2.90 -2.08
C MET A 111 5.44 1.51 -1.93
N LEU A 112 5.37 0.70 -2.98
CA LEU A 112 5.89 -0.65 -2.95
C LEU A 112 7.41 -0.67 -3.09
N LYS A 113 7.95 0.36 -3.74
CA LYS A 113 9.39 0.57 -3.75
C LYS A 113 9.90 0.96 -2.38
N ARG A 114 9.10 1.71 -1.63
CA ARG A 114 9.41 2.02 -0.25
C ARG A 114 9.16 0.83 0.67
N LEU A 115 8.22 -0.03 0.27
CA LEU A 115 7.91 -1.24 1.02
C LEU A 115 9.11 -2.19 1.02
N LYS A 116 9.64 -2.47 -0.17
CA LYS A 116 10.77 -3.39 -0.31
C LYS A 116 12.09 -2.67 -0.15
N GLU A 82 -2.66 3.26 10.87
CA GLU A 82 -1.37 2.80 10.39
C GLU A 82 -1.03 3.43 9.04
N ASP A 83 0.25 3.39 8.67
CA ASP A 83 0.69 3.90 7.38
C ASP A 83 0.32 2.96 6.26
N VAL A 84 0.28 3.48 5.03
CA VAL A 84 -0.14 2.69 3.88
C VAL A 84 0.82 1.54 3.63
N TRP A 85 2.10 1.76 3.89
CA TRP A 85 3.13 0.75 3.67
C TRP A 85 3.17 -0.25 4.81
N GLU A 86 2.69 0.17 5.98
CA GLU A 86 2.55 -0.72 7.12
C GLU A 86 1.42 -1.73 6.88
N ILE A 87 0.42 -1.31 6.12
CA ILE A 87 -0.66 -2.22 5.73
C ILE A 87 -0.26 -3.07 4.54
N LEU A 88 0.42 -2.47 3.58
CA LEU A 88 0.89 -3.18 2.39
C LEU A 88 1.83 -4.32 2.77
N ARG A 89 2.63 -4.10 3.82
CA ARG A 89 3.62 -5.07 4.23
C ARG A 89 2.97 -6.36 4.73
N GLN A 90 1.77 -6.22 5.29
CA GLN A 90 1.14 -7.32 6.00
C GLN A 90 0.02 -7.95 5.18
N ALA A 91 -0.70 -7.11 4.44
CA ALA A 91 -1.88 -7.55 3.70
C ALA A 91 -1.50 -8.24 2.40
N PRO A 92 -2.40 -9.06 1.88
CA PRO A 92 -2.17 -9.75 0.63
C PRO A 92 -1.95 -8.77 -0.52
N PRO A 93 -1.23 -9.20 -1.54
CA PRO A 93 -0.92 -8.36 -2.68
C PRO A 93 -2.16 -8.07 -3.52
N SER A 94 -3.20 -8.88 -3.31
CA SER A 94 -4.45 -8.69 -4.03
C SER A 94 -5.24 -7.51 -3.45
N GLU A 95 -4.84 -7.06 -2.28
CA GLU A 95 -5.57 -6.01 -1.58
C GLU A 95 -4.88 -4.65 -1.77
N TYR A 96 -3.74 -4.67 -2.43
CA TYR A 96 -2.87 -3.49 -2.51
C TYR A 96 -3.60 -2.32 -3.16
N GLU A 97 -4.51 -2.63 -4.08
CA GLU A 97 -5.23 -1.60 -4.81
C GLU A 97 -6.09 -0.75 -3.88
N ARG A 98 -6.87 -1.41 -3.03
CA ARG A 98 -7.79 -0.72 -2.13
C ARG A 98 -7.05 -0.13 -0.94
N ILE A 99 -5.94 -0.77 -0.56
CA ILE A 99 -5.10 -0.27 0.52
C ILE A 99 -4.54 1.11 0.19
N ALA A 100 -4.06 1.27 -1.04
CA ALA A 100 -3.64 2.57 -1.53
C ALA A 100 -4.79 3.57 -1.49
N PHE A 101 -5.95 3.16 -1.99
CA PHE A 101 -7.11 4.03 -2.07
C PHE A 101 -7.55 4.48 -0.67
N GLN A 102 -7.33 3.63 0.32
CA GLN A 102 -7.70 3.92 1.69
C GLN A 102 -6.91 5.10 2.23
N HIS A 103 -5.67 5.24 1.78
CA HIS A 103 -4.77 6.26 2.30
C HIS A 103 -4.65 7.43 1.32
N GLY A 104 -5.43 7.38 0.25
CA GLY A 104 -5.44 8.45 -0.74
C GLY A 104 -4.22 8.35 -1.66
N VAL A 105 -3.63 7.16 -1.72
CA VAL A 105 -2.44 6.94 -2.55
C VAL A 105 -2.84 6.58 -3.98
N THR A 106 -2.29 7.33 -4.93
CA THR A 106 -2.50 7.04 -6.35
C THR A 106 -1.30 6.32 -6.94
N ASP A 107 -0.13 6.55 -6.37
CA ASP A 107 1.08 5.85 -6.77
C ASP A 107 1.33 4.65 -5.87
N LEU A 108 0.67 3.54 -6.16
CA LEU A 108 0.82 2.31 -5.39
C LEU A 108 2.26 1.83 -5.41
N ARG A 109 2.84 1.74 -6.59
CA ARG A 109 4.18 1.20 -6.76
C ARG A 109 5.20 2.03 -5.99
N GLY A 110 4.97 3.33 -5.90
CA GLY A 110 5.80 4.21 -5.08
C GLY A 110 5.80 3.77 -3.63
N MET A 111 4.63 3.39 -3.12
CA MET A 111 4.49 2.94 -1.75
C MET A 111 5.00 1.51 -1.60
N LEU A 112 4.98 0.76 -2.70
CA LEU A 112 5.54 -0.59 -2.70
C LEU A 112 7.06 -0.55 -2.73
N LYS A 113 7.62 0.57 -3.17
CA LYS A 113 9.05 0.82 -3.04
C LYS A 113 9.40 1.25 -1.61
N ARG A 114 8.41 1.79 -0.90
CA ARG A 114 8.60 2.18 0.50
C ARG A 114 8.62 0.95 1.39
N LEU A 115 8.18 -0.18 0.87
CA LEU A 115 8.25 -1.45 1.58
C LEU A 115 9.70 -1.92 1.72
N LYS A 116 10.54 -1.51 0.78
CA LYS A 116 11.95 -1.89 0.79
C LYS A 116 12.79 -0.89 1.57
N GLU A 82 -2.69 2.53 11.60
CA GLU A 82 -2.81 1.81 10.34
C GLU A 82 -2.41 2.69 9.17
N ASP A 83 -1.11 2.94 9.03
CA ASP A 83 -0.59 3.72 7.92
C ASP A 83 -0.60 2.93 6.62
N VAL A 84 -0.55 3.63 5.50
CA VAL A 84 -0.58 2.99 4.18
C VAL A 84 0.63 2.11 3.98
N TRP A 85 1.77 2.52 4.52
CA TRP A 85 2.99 1.72 4.47
C TRP A 85 2.99 0.64 5.53
N GLU A 86 2.23 0.87 6.61
CA GLU A 86 2.15 -0.09 7.70
C GLU A 86 1.35 -1.32 7.29
N ILE A 87 0.27 -1.11 6.55
CA ILE A 87 -0.62 -2.18 6.16
C ILE A 87 -0.10 -2.92 4.94
N LEU A 88 0.27 -2.16 3.91
CA LEU A 88 0.73 -2.75 2.65
C LEU A 88 1.88 -3.72 2.88
N ARG A 89 2.71 -3.42 3.87
CA ARG A 89 3.89 -4.23 4.15
C ARG A 89 3.53 -5.69 4.36
N GLN A 90 2.46 -5.92 5.12
CA GLN A 90 2.12 -7.26 5.56
C GLN A 90 0.82 -7.74 4.90
N ALA A 91 0.16 -6.84 4.18
CA ALA A 91 -1.11 -7.15 3.56
C ALA A 91 -0.93 -8.01 2.31
N PRO A 92 -1.98 -8.74 1.94
CA PRO A 92 -1.97 -9.51 0.71
C PRO A 92 -1.82 -8.62 -0.51
N PRO A 93 -1.19 -9.14 -1.55
CA PRO A 93 -0.89 -8.36 -2.75
C PRO A 93 -2.15 -8.02 -3.51
N SER A 94 -3.22 -8.77 -3.26
CA SER A 94 -4.49 -8.56 -3.94
C SER A 94 -5.23 -7.37 -3.35
N GLU A 95 -4.80 -6.93 -2.17
CA GLU A 95 -5.52 -5.90 -1.43
C GLU A 95 -4.86 -4.54 -1.61
N TYR A 96 -3.69 -4.54 -2.26
CA TYR A 96 -2.85 -3.34 -2.30
C TYR A 96 -3.56 -2.19 -3.00
N GLU A 97 -4.35 -2.51 -4.01
CA GLU A 97 -5.12 -1.50 -4.73
C GLU A 97 -6.12 -0.82 -3.81
N ARG A 98 -6.89 -1.61 -3.07
CA ARG A 98 -7.93 -1.08 -2.21
C ARG A 98 -7.34 -0.35 -1.00
N ILE A 99 -6.21 -0.87 -0.52
CA ILE A 99 -5.55 -0.29 0.66
C ILE A 99 -5.00 1.09 0.36
N ALA A 100 -4.22 1.20 -0.72
CA ALA A 100 -3.61 2.46 -1.10
C ALA A 100 -4.67 3.54 -1.30
N PHE A 101 -5.72 3.20 -2.02
CA PHE A 101 -6.77 4.17 -2.34
C PHE A 101 -7.53 4.59 -1.09
N GLN A 102 -7.62 3.69 -0.13
CA GLN A 102 -8.25 3.98 1.15
C GLN A 102 -7.50 5.08 1.88
N HIS A 103 -6.20 5.15 1.67
CA HIS A 103 -5.36 6.15 2.32
C HIS A 103 -5.16 7.37 1.44
N GLY A 104 -5.79 7.36 0.27
CA GLY A 104 -5.66 8.46 -0.68
C GLY A 104 -4.32 8.44 -1.39
N VAL A 105 -3.73 7.25 -1.47
CA VAL A 105 -2.43 7.09 -2.12
C VAL A 105 -2.59 6.49 -3.51
N THR A 106 -2.08 7.19 -4.52
CA THR A 106 -2.19 6.73 -5.89
C THR A 106 -0.89 6.09 -6.37
N ASP A 107 0.21 6.47 -5.72
CA ASP A 107 1.52 5.92 -6.06
C ASP A 107 1.77 4.60 -5.34
N LEU A 108 1.07 3.56 -5.76
CA LEU A 108 1.22 2.24 -5.16
C LEU A 108 2.57 1.63 -5.51
N ARG A 109 3.00 1.83 -6.74
CA ARG A 109 4.28 1.29 -7.21
C ARG A 109 5.44 1.86 -6.41
N GLY A 110 5.41 3.18 -6.19
CA GLY A 110 6.45 3.85 -5.41
C GLY A 110 6.39 3.45 -3.94
N MET A 111 5.17 3.30 -3.42
CA MET A 111 4.97 2.94 -2.03
C MET A 111 5.51 1.55 -1.74
N LEU A 112 5.22 0.61 -2.63
CA LEU A 112 5.64 -0.78 -2.47
C LEU A 112 7.14 -0.93 -2.69
N LYS A 113 7.69 -0.12 -3.59
CA LYS A 113 9.13 -0.09 -3.83
C LYS A 113 9.87 0.40 -2.59
N ARG A 114 9.31 1.40 -1.93
CA ARG A 114 9.89 1.92 -0.69
C ARG A 114 9.83 0.89 0.43
N LEU A 115 8.76 0.10 0.44
CA LEU A 115 8.61 -0.98 1.40
C LEU A 115 9.61 -2.11 1.11
N LYS A 116 9.81 -2.38 -0.18
CA LYS A 116 10.75 -3.42 -0.60
C LYS A 116 12.16 -3.10 -0.14
N GLU A 82 1.55 2.00 10.84
CA GLU A 82 0.65 3.15 10.79
C GLU A 82 0.58 3.75 9.40
N ASP A 83 1.67 3.63 8.66
CA ASP A 83 1.74 4.17 7.30
C ASP A 83 1.04 3.27 6.30
N VAL A 84 0.86 3.75 5.08
CA VAL A 84 0.13 3.02 4.06
C VAL A 84 0.90 1.78 3.62
N TRP A 85 2.19 1.95 3.37
CA TRP A 85 3.04 0.84 2.94
C TRP A 85 3.33 -0.11 4.10
N GLU A 86 3.17 0.39 5.32
CA GLU A 86 3.28 -0.44 6.51
C GLU A 86 2.05 -1.32 6.68
N ILE A 87 0.89 -0.78 6.29
CA ILE A 87 -0.33 -1.57 6.21
C ILE A 87 -0.26 -2.59 5.08
N LEU A 88 0.31 -2.17 3.95
CA LEU A 88 0.46 -3.04 2.80
C LEU A 88 1.46 -4.16 3.08
N ARG A 89 2.33 -3.93 4.05
CA ARG A 89 3.34 -4.93 4.42
C ARG A 89 2.72 -6.31 4.55
N GLN A 90 1.63 -6.40 5.30
CA GLN A 90 1.02 -7.70 5.62
C GLN A 90 -0.26 -7.92 4.81
N ALA A 91 -0.53 -7.01 3.89
CA ALA A 91 -1.73 -7.09 3.06
C ALA A 91 -1.52 -8.01 1.87
N PRO A 92 -2.57 -8.71 1.46
CA PRO A 92 -2.55 -9.50 0.23
C PRO A 92 -2.22 -8.62 -0.97
N PRO A 93 -1.55 -9.20 -1.96
CA PRO A 93 -1.18 -8.48 -3.17
C PRO A 93 -2.41 -7.84 -3.82
N SER A 94 -3.54 -8.52 -3.72
CA SER A 94 -4.76 -8.07 -4.36
C SER A 94 -5.35 -6.86 -3.64
N GLU A 95 -4.95 -6.69 -2.38
CA GLU A 95 -5.51 -5.64 -1.54
C GLU A 95 -4.58 -4.43 -1.48
N TYR A 96 -3.46 -4.52 -2.17
CA TYR A 96 -2.51 -3.41 -2.25
C TYR A 96 -3.18 -2.15 -2.76
N GLU A 97 -3.85 -2.25 -3.90
CA GLU A 97 -4.56 -1.12 -4.49
C GLU A 97 -5.81 -0.79 -3.70
N ARG A 98 -6.52 -1.83 -3.28
CA ARG A 98 -7.81 -1.65 -2.62
C ARG A 98 -7.66 -0.91 -1.30
N ILE A 99 -6.57 -1.17 -0.60
CA ILE A 99 -6.27 -0.49 0.66
C ILE A 99 -5.73 0.90 0.42
N ALA A 100 -4.77 1.00 -0.49
CA ALA A 100 -4.13 2.28 -0.80
C ALA A 100 -5.17 3.32 -1.22
N PHE A 101 -6.16 2.89 -1.98
CA PHE A 101 -7.19 3.78 -2.49
C PHE A 101 -8.00 4.38 -1.35
N GLN A 102 -8.13 3.63 -0.27
CA GLN A 102 -8.88 4.08 0.91
C GLN A 102 -8.10 5.13 1.68
N HIS A 103 -6.80 5.22 1.41
CA HIS A 103 -5.95 6.20 2.07
C HIS A 103 -5.69 7.39 1.16
N GLY A 104 -6.20 7.32 -0.06
CA GLY A 104 -6.01 8.39 -1.03
C GLY A 104 -4.69 8.25 -1.77
N VAL A 105 -4.15 7.03 -1.78
CA VAL A 105 -2.87 6.75 -2.42
C VAL A 105 -3.06 5.97 -3.71
N THR A 106 -2.62 6.54 -4.82
CA THR A 106 -2.68 5.86 -6.12
C THR A 106 -1.31 5.38 -6.56
N ASP A 107 -0.27 5.93 -5.93
CA ASP A 107 1.10 5.52 -6.23
C ASP A 107 1.50 4.29 -5.42
N LEU A 108 1.01 3.13 -5.85
CA LEU A 108 1.33 1.87 -5.17
C LEU A 108 2.81 1.54 -5.28
N ARG A 109 3.41 1.86 -6.42
CA ARG A 109 4.82 1.60 -6.65
C ARG A 109 5.68 2.35 -5.64
N GLY A 110 5.29 3.59 -5.33
CA GLY A 110 5.97 4.37 -4.32
C GLY A 110 5.86 3.72 -2.94
N MET A 111 4.69 3.18 -2.64
CA MET A 111 4.47 2.49 -1.37
C MET A 111 5.30 1.21 -1.29
N LEU A 112 5.43 0.53 -2.43
CA LEU A 112 6.18 -0.72 -2.49
C LEU A 112 7.68 -0.46 -2.46
N LYS A 113 8.08 0.71 -2.93
CA LYS A 113 9.47 1.16 -2.80
C LYS A 113 9.81 1.51 -1.37
N ARG A 114 8.83 2.07 -0.66
CA ARG A 114 9.00 2.37 0.77
C ARG A 114 8.92 1.10 1.61
N LEU A 115 8.15 0.14 1.13
CA LEU A 115 8.02 -1.15 1.81
C LEU A 115 9.28 -1.99 1.67
N LYS A 116 9.74 -2.13 0.43
CA LYS A 116 10.93 -2.92 0.14
C LYS A 116 12.21 -2.13 0.38
N GLU A 82 -2.22 3.83 10.30
CA GLU A 82 -1.03 3.27 9.67
C GLU A 82 -0.92 3.70 8.21
N ASP A 83 0.30 3.74 7.70
CA ASP A 83 0.54 4.08 6.30
C ASP A 83 0.19 2.91 5.39
N VAL A 84 0.01 3.21 4.10
CA VAL A 84 -0.23 2.17 3.10
C VAL A 84 0.94 1.20 3.02
N TRP A 85 2.14 1.74 2.82
CA TRP A 85 3.34 0.92 2.68
C TRP A 85 3.57 0.06 3.92
N GLU A 86 3.12 0.57 5.07
CA GLU A 86 3.19 -0.19 6.31
C GLU A 86 2.23 -1.37 6.29
N ILE A 87 1.00 -1.11 5.86
CA ILE A 87 -0.02 -2.15 5.78
C ILE A 87 0.34 -3.19 4.72
N LEU A 88 1.00 -2.74 3.66
CA LEU A 88 1.35 -3.62 2.55
C LEU A 88 2.21 -4.79 3.02
N ARG A 89 2.92 -4.59 4.11
CA ARG A 89 3.74 -5.65 4.69
C ARG A 89 2.92 -6.89 5.00
N GLN A 90 1.75 -6.69 5.59
CA GLN A 90 0.93 -7.80 6.07
C GLN A 90 -0.26 -8.04 5.18
N ALA A 91 -0.52 -7.10 4.28
CA ALA A 91 -1.66 -7.20 3.36
C ALA A 91 -1.30 -8.07 2.15
N PRO A 92 -2.31 -8.72 1.58
CA PRO A 92 -2.13 -9.50 0.37
C PRO A 92 -1.98 -8.59 -0.84
N PRO A 93 -1.29 -9.08 -1.87
CA PRO A 93 -1.04 -8.30 -3.07
C PRO A 93 -2.34 -7.80 -3.68
N SER A 94 -3.39 -8.60 -3.55
CA SER A 94 -4.65 -8.32 -4.23
C SER A 94 -5.36 -7.13 -3.60
N GLU A 95 -5.01 -6.83 -2.35
CA GLU A 95 -5.70 -5.78 -1.60
C GLU A 95 -4.80 -4.56 -1.42
N TYR A 96 -3.65 -4.57 -2.09
CA TYR A 96 -2.73 -3.45 -2.06
C TYR A 96 -3.39 -2.17 -2.56
N GLU A 97 -4.11 -2.30 -3.68
CA GLU A 97 -4.83 -1.16 -4.26
C GLU A 97 -5.93 -0.68 -3.33
N ARG A 98 -6.63 -1.64 -2.71
CA ARG A 98 -7.75 -1.31 -1.84
C ARG A 98 -7.29 -0.53 -0.62
N ILE A 99 -6.13 -0.91 -0.08
CA ILE A 99 -5.53 -0.19 1.02
C ILE A 99 -5.13 1.22 0.62
N ALA A 100 -4.51 1.33 -0.55
CA ALA A 100 -4.11 2.63 -1.09
C ALA A 100 -5.32 3.53 -1.27
N PHE A 101 -6.44 2.96 -1.71
CA PHE A 101 -7.65 3.73 -1.96
C PHE A 101 -8.15 4.39 -0.70
N GLN A 102 -7.99 3.71 0.43
CA GLN A 102 -8.51 4.19 1.71
C GLN A 102 -7.74 5.41 2.18
N HIS A 103 -6.50 5.54 1.73
CA HIS A 103 -5.62 6.62 2.18
C HIS A 103 -5.50 7.70 1.10
N GLY A 104 -6.15 7.48 -0.03
CA GLY A 104 -6.10 8.43 -1.14
C GLY A 104 -4.77 8.35 -1.87
N VAL A 105 -4.11 7.21 -1.78
CA VAL A 105 -2.81 7.02 -2.41
C VAL A 105 -2.94 6.43 -3.81
N THR A 106 -2.35 7.11 -4.79
CA THR A 106 -2.37 6.63 -6.17
C THR A 106 -1.03 6.00 -6.54
N ASP A 107 0.03 6.42 -5.86
CA ASP A 107 1.36 5.88 -6.10
C ASP A 107 1.59 4.60 -5.30
N LEU A 108 0.94 3.52 -5.70
CA LEU A 108 1.11 2.24 -5.04
C LEU A 108 2.53 1.70 -5.22
N ARG A 109 3.12 1.98 -6.38
CA ARG A 109 4.49 1.58 -6.66
C ARG A 109 5.45 2.17 -5.64
N GLY A 110 5.28 3.47 -5.35
CA GLY A 110 6.13 4.16 -4.39
C GLY A 110 6.00 3.57 -3.00
N MET A 111 4.78 3.14 -2.66
CA MET A 111 4.52 2.54 -1.35
C MET A 111 5.27 1.22 -1.20
N LEU A 112 5.26 0.42 -2.25
CA LEU A 112 5.98 -0.86 -2.26
C LEU A 112 7.49 -0.63 -2.30
N LYS A 113 7.91 0.45 -2.94
CA LYS A 113 9.31 0.83 -2.97
C LYS A 113 9.78 1.32 -1.62
N ARG A 114 8.88 1.96 -0.87
CA ARG A 114 9.17 2.42 0.47
C ARG A 114 9.18 1.25 1.46
N LEU A 115 8.31 0.27 1.23
CA LEU A 115 8.27 -0.93 2.04
C LEU A 115 9.52 -1.78 1.84
N LYS A 116 9.84 -2.07 0.59
CA LYS A 116 10.98 -2.92 0.26
C LYS A 116 12.27 -2.11 0.20
N GLU A 82 -0.53 2.99 11.72
CA GLU A 82 0.50 2.50 10.80
C GLU A 82 0.51 3.30 9.50
N ASP A 83 1.63 3.28 8.80
CA ASP A 83 1.75 3.94 7.50
C ASP A 83 1.09 3.10 6.41
N VAL A 84 0.95 3.69 5.23
CA VAL A 84 0.32 3.01 4.10
C VAL A 84 1.10 1.76 3.70
N TRP A 85 2.40 1.92 3.52
CA TRP A 85 3.25 0.81 3.10
C TRP A 85 3.51 -0.16 4.24
N GLU A 86 3.33 0.32 5.46
CA GLU A 86 3.37 -0.56 6.63
C GLU A 86 2.13 -1.44 6.70
N ILE A 87 1.02 -0.94 6.19
CA ILE A 87 -0.18 -1.76 6.01
C ILE A 87 -0.01 -2.74 4.86
N LEU A 88 0.63 -2.28 3.78
CA LEU A 88 0.88 -3.13 2.63
C LEU A 88 1.78 -4.31 3.00
N ARG A 89 2.58 -4.13 4.05
CA ARG A 89 3.43 -5.19 4.56
C ARG A 89 2.60 -6.43 4.90
N GLN A 90 1.43 -6.22 5.48
CA GLN A 90 0.61 -7.31 5.98
C GLN A 90 -0.51 -7.66 5.00
N ALA A 91 -0.97 -6.65 4.25
CA ALA A 91 -2.06 -6.84 3.31
C ALA A 91 -1.66 -7.78 2.19
N PRO A 92 -2.63 -8.57 1.73
CA PRO A 92 -2.43 -9.41 0.55
C PRO A 92 -2.07 -8.57 -0.67
N PRO A 93 -1.33 -9.17 -1.60
CA PRO A 93 -0.89 -8.47 -2.80
C PRO A 93 -2.07 -8.08 -3.68
N SER A 94 -3.17 -8.81 -3.54
CA SER A 94 -4.37 -8.55 -4.32
C SER A 94 -5.15 -7.36 -3.75
N GLU A 95 -4.87 -7.02 -2.49
CA GLU A 95 -5.61 -5.99 -1.79
C GLU A 95 -4.85 -4.67 -1.79
N TYR A 96 -3.68 -4.67 -2.42
CA TYR A 96 -2.81 -3.50 -2.41
C TYR A 96 -3.50 -2.30 -3.05
N GLU A 97 -4.34 -2.56 -4.05
CA GLU A 97 -5.10 -1.52 -4.72
C GLU A 97 -6.13 -0.91 -3.77
N ARG A 98 -6.80 -1.75 -3.01
CA ARG A 98 -7.85 -1.30 -2.10
C ARG A 98 -7.28 -0.53 -0.93
N ILE A 99 -6.10 -0.95 -0.48
CA ILE A 99 -5.39 -0.24 0.58
C ILE A 99 -5.00 1.17 0.14
N ALA A 100 -4.49 1.27 -1.09
CA ALA A 100 -4.19 2.57 -1.67
C ALA A 100 -5.44 3.42 -1.80
N PHE A 101 -6.53 2.80 -2.25
CA PHE A 101 -7.79 3.50 -2.45
C PHE A 101 -8.35 3.99 -1.13
N GLN A 102 -8.07 3.26 -0.05
CA GLN A 102 -8.54 3.62 1.28
C GLN A 102 -7.95 4.94 1.74
N HIS A 103 -6.70 5.20 1.33
CA HIS A 103 -5.97 6.36 1.81
C HIS A 103 -5.89 7.44 0.73
N GLY A 104 -6.32 7.09 -0.48
CA GLY A 104 -6.29 8.03 -1.60
C GLY A 104 -4.91 8.08 -2.24
N VAL A 105 -4.15 7.00 -2.08
CA VAL A 105 -2.81 6.93 -2.63
C VAL A 105 -2.82 6.57 -4.11
N THR A 106 -2.21 7.40 -4.93
CA THR A 106 -2.11 7.15 -6.37
C THR A 106 -0.79 6.47 -6.73
N ASP A 107 0.22 6.67 -5.88
CA ASP A 107 1.52 6.05 -6.09
C ASP A 107 1.68 4.79 -5.26
N LEU A 108 0.94 3.74 -5.63
CA LEU A 108 1.03 2.47 -4.93
C LEU A 108 2.43 1.87 -5.04
N ARG A 109 3.03 1.99 -6.21
CA ARG A 109 4.38 1.47 -6.44
C ARG A 109 5.40 2.17 -5.57
N GLY A 110 5.22 3.47 -5.38
CA GLY A 110 6.08 4.24 -4.48
C GLY A 110 5.98 3.73 -3.05
N MET A 111 4.77 3.41 -2.62
CA MET A 111 4.55 2.82 -1.30
C MET A 111 5.20 1.45 -1.20
N LEU A 112 5.18 0.71 -2.31
CA LEU A 112 5.77 -0.62 -2.35
C LEU A 112 7.29 -0.56 -2.40
N LYS A 113 7.81 0.56 -2.91
CA LYS A 113 9.24 0.85 -2.83
C LYS A 113 9.65 1.24 -1.42
N ARG A 114 8.76 1.93 -0.71
CA ARG A 114 8.96 2.22 0.70
C ARG A 114 8.88 0.96 1.55
N LEU A 115 8.02 0.03 1.14
CA LEU A 115 7.93 -1.27 1.79
C LEU A 115 9.19 -2.09 1.57
N LYS A 116 9.64 -2.16 0.31
CA LYS A 116 10.85 -2.90 -0.03
C LYS A 116 12.05 -2.35 0.70
N GLU A 82 -0.04 3.88 12.08
CA GLU A 82 0.66 3.00 11.15
C GLU A 82 0.73 3.61 9.76
N ASP A 83 1.84 3.37 9.06
CA ASP A 83 2.01 3.85 7.70
C ASP A 83 1.19 3.03 6.71
N VAL A 84 0.95 3.59 5.54
CA VAL A 84 0.20 2.89 4.49
C VAL A 84 0.94 1.64 4.05
N TRP A 85 2.21 1.79 3.71
CA TRP A 85 3.05 0.66 3.31
C TRP A 85 3.26 -0.31 4.46
N GLU A 86 3.20 0.21 5.68
CA GLU A 86 3.28 -0.62 6.87
C GLU A 86 2.06 -1.53 6.99
N ILE A 87 0.89 -0.99 6.67
CA ILE A 87 -0.32 -1.79 6.57
C ILE A 87 -0.25 -2.78 5.41
N LEU A 88 0.28 -2.31 4.28
CA LEU A 88 0.42 -3.15 3.10
C LEU A 88 1.40 -4.29 3.34
N ARG A 89 2.39 -4.04 4.20
CA ARG A 89 3.43 -5.03 4.48
C ARG A 89 2.83 -6.38 4.85
N GLN A 90 1.77 -6.34 5.65
CA GLN A 90 1.16 -7.57 6.18
C GLN A 90 -0.20 -7.83 5.54
N ALA A 91 -0.43 -7.21 4.39
CA ALA A 91 -1.70 -7.34 3.69
C ALA A 91 -1.57 -8.17 2.43
N PRO A 92 -2.69 -8.72 1.96
CA PRO A 92 -2.70 -9.49 0.72
C PRO A 92 -2.20 -8.66 -0.45
N PRO A 93 -1.29 -9.23 -1.23
CA PRO A 93 -0.72 -8.54 -2.39
C PRO A 93 -1.81 -8.06 -3.32
N SER A 94 -2.88 -8.83 -3.43
CA SER A 94 -3.94 -8.55 -4.40
C SER A 94 -4.77 -7.35 -3.95
N GLU A 95 -4.64 -6.98 -2.69
CA GLU A 95 -5.46 -5.93 -2.11
C GLU A 95 -4.67 -4.63 -1.94
N TYR A 96 -3.44 -4.63 -2.44
CA TYR A 96 -2.56 -3.48 -2.30
C TYR A 96 -3.13 -2.28 -3.04
N GLU A 97 -3.72 -2.52 -4.21
CA GLU A 97 -4.37 -1.47 -4.98
C GLU A 97 -5.54 -0.86 -4.20
N ARG A 98 -6.41 -1.71 -3.67
CA ARG A 98 -7.62 -1.26 -3.00
C ARG A 98 -7.29 -0.56 -1.70
N ILE A 99 -6.30 -1.08 -0.98
CA ILE A 99 -5.93 -0.52 0.32
C ILE A 99 -5.25 0.83 0.16
N ALA A 100 -4.26 0.89 -0.72
CA ALA A 100 -3.52 2.13 -0.95
C ALA A 100 -4.44 3.25 -1.41
N PHE A 101 -5.32 2.93 -2.35
CA PHE A 101 -6.27 3.91 -2.88
C PHE A 101 -7.27 4.34 -1.81
N GLN A 102 -7.61 3.43 -0.92
CA GLN A 102 -8.49 3.73 0.20
C GLN A 102 -7.87 4.76 1.12
N HIS A 103 -6.55 4.77 1.20
CA HIS A 103 -5.83 5.71 2.04
C HIS A 103 -5.62 7.04 1.31
N GLY A 104 -5.90 7.04 0.01
CA GLY A 104 -5.76 8.25 -0.80
C GLY A 104 -4.42 8.29 -1.52
N VAL A 105 -3.78 7.14 -1.64
CA VAL A 105 -2.51 7.02 -2.33
C VAL A 105 -2.72 6.80 -3.82
N THR A 106 -2.15 7.70 -4.64
CA THR A 106 -2.29 7.61 -6.08
C THR A 106 -1.11 6.89 -6.71
N ASP A 107 -0.01 6.83 -5.98
CA ASP A 107 1.19 6.12 -6.45
C ASP A 107 1.37 4.80 -5.71
N LEU A 108 0.65 3.78 -6.16
CA LEU A 108 0.72 2.46 -5.53
C LEU A 108 2.15 1.93 -5.52
N ARG A 109 2.79 1.95 -6.69
CA ARG A 109 4.12 1.37 -6.84
C ARG A 109 5.13 2.09 -5.96
N GLY A 110 5.01 3.40 -5.87
CA GLY A 110 5.89 4.21 -5.02
C GLY A 110 5.73 3.85 -3.55
N MET A 111 4.49 3.59 -3.15
CA MET A 111 4.20 3.16 -1.78
C MET A 111 4.71 1.75 -1.52
N LEU A 112 4.71 0.93 -2.57
CA LEU A 112 5.23 -0.42 -2.47
C LEU A 112 6.75 -0.44 -2.50
N LYS A 113 7.34 0.62 -3.05
CA LYS A 113 8.77 0.85 -2.93
C LYS A 113 9.14 1.29 -1.52
N ARG A 114 8.24 2.02 -0.87
CA ARG A 114 8.36 2.32 0.54
C ARG A 114 8.17 1.06 1.39
N LEU A 115 7.33 0.15 0.90
CA LEU A 115 7.12 -1.12 1.57
C LEU A 115 8.40 -1.95 1.61
N LYS A 116 8.97 -2.20 0.43
CA LYS A 116 10.19 -2.99 0.32
C LYS A 116 11.40 -2.22 0.85
N GLU A 82 -1.80 2.63 10.63
CA GLU A 82 -0.62 2.06 10.00
C GLU A 82 -0.45 2.61 8.59
N ASP A 83 0.76 2.46 8.04
CA ASP A 83 1.06 2.93 6.70
C ASP A 83 0.60 1.93 5.64
N VAL A 84 0.64 2.36 4.38
CA VAL A 84 0.17 1.52 3.29
C VAL A 84 1.01 0.26 3.16
N TRP A 85 2.28 0.36 3.52
CA TRP A 85 3.19 -0.79 3.48
C TRP A 85 2.98 -1.68 4.69
N GLU A 86 2.85 -1.08 5.86
CA GLU A 86 2.66 -1.82 7.10
C GLU A 86 1.40 -2.68 7.05
N ILE A 87 0.40 -2.20 6.33
CA ILE A 87 -0.81 -2.98 6.08
C ILE A 87 -0.55 -4.08 5.04
N LEU A 88 0.15 -3.72 3.97
CA LEU A 88 0.43 -4.65 2.90
C LEU A 88 1.20 -5.87 3.40
N ARG A 89 1.97 -5.66 4.47
CA ARG A 89 2.80 -6.73 5.02
C ARG A 89 1.93 -7.86 5.57
N GLN A 90 0.74 -7.52 6.01
CA GLN A 90 -0.16 -8.49 6.63
C GLN A 90 -1.39 -8.74 5.76
N ALA A 91 -1.60 -7.87 4.79
CA ALA A 91 -2.80 -7.93 3.96
C ALA A 91 -2.57 -8.79 2.72
N PRO A 92 -3.64 -9.41 2.23
CA PRO A 92 -3.57 -10.18 1.00
C PRO A 92 -3.40 -9.28 -0.21
N PRO A 93 -2.85 -9.84 -1.28
CA PRO A 93 -2.48 -9.05 -2.45
C PRO A 93 -3.71 -8.56 -3.20
N SER A 94 -4.85 -9.17 -2.91
CA SER A 94 -6.09 -8.84 -3.60
C SER A 94 -6.61 -7.47 -3.17
N GLU A 95 -6.18 -7.02 -1.99
CA GLU A 95 -6.75 -5.83 -1.37
C GLU A 95 -5.79 -4.66 -1.48
N TYR A 96 -4.64 -4.88 -2.10
CA TYR A 96 -3.59 -3.87 -2.18
C TYR A 96 -4.10 -2.62 -2.88
N GLU A 97 -4.96 -2.80 -3.86
CA GLU A 97 -5.52 -1.68 -4.61
C GLU A 97 -6.35 -0.76 -3.73
N ARG A 98 -7.27 -1.35 -2.97
CA ARG A 98 -8.16 -0.59 -2.12
C ARG A 98 -7.41 -0.01 -0.91
N ILE A 99 -6.45 -0.76 -0.42
CA ILE A 99 -5.62 -0.29 0.69
C ILE A 99 -4.86 0.97 0.33
N ALA A 100 -4.26 0.97 -0.86
CA ALA A 100 -3.58 2.15 -1.38
C ALA A 100 -4.53 3.35 -1.44
N PHE A 101 -5.76 3.10 -1.90
CA PHE A 101 -6.75 4.15 -2.04
C PHE A 101 -7.09 4.77 -0.69
N GLN A 102 -7.09 3.94 0.34
CA GLN A 102 -7.40 4.40 1.70
C GLN A 102 -6.30 5.32 2.21
N HIS A 103 -5.09 5.18 1.67
CA HIS A 103 -3.95 5.96 2.11
C HIS A 103 -3.68 7.13 1.16
N GLY A 104 -4.54 7.27 0.16
CA GLY A 104 -4.41 8.35 -0.82
C GLY A 104 -3.26 8.09 -1.78
N VAL A 105 -2.91 6.81 -1.95
CA VAL A 105 -1.80 6.44 -2.80
C VAL A 105 -2.27 6.02 -4.19
N THR A 106 -1.82 6.73 -5.20
CA THR A 106 -2.19 6.44 -6.58
C THR A 106 -1.10 5.64 -7.28
N ASP A 107 0.15 5.86 -6.87
CA ASP A 107 1.27 5.05 -7.34
C ASP A 107 1.83 4.19 -6.23
N LEU A 108 1.24 3.00 -6.06
CA LEU A 108 1.60 2.12 -4.96
C LEU A 108 3.02 1.60 -5.11
N ARG A 109 3.41 1.28 -6.34
CA ARG A 109 4.74 0.78 -6.63
C ARG A 109 5.81 1.79 -6.21
N GLY A 110 5.62 3.04 -6.61
CA GLY A 110 6.55 4.11 -6.26
C GLY A 110 6.51 4.41 -4.78
N MET A 111 5.32 4.32 -4.19
CA MET A 111 5.16 4.57 -2.76
C MET A 111 5.91 3.53 -1.92
N LEU A 112 5.85 2.28 -2.35
CA LEU A 112 6.51 1.20 -1.64
C LEU A 112 8.03 1.26 -1.81
N LYS A 113 8.46 1.72 -2.98
CA LYS A 113 9.87 1.98 -3.23
C LYS A 113 10.38 3.13 -2.38
N ARG A 114 9.51 4.11 -2.16
CA ARG A 114 9.84 5.25 -1.31
C ARG A 114 9.94 4.82 0.15
N LEU A 115 9.01 3.99 0.59
CA LEU A 115 8.96 3.56 1.98
C LEU A 115 10.04 2.54 2.28
N LYS A 116 10.40 1.73 1.28
CA LYS A 116 11.42 0.71 1.43
C LYS A 116 12.80 1.24 1.10
N GLU A 82 0.21 8.99 5.06
CA GLU A 82 0.20 7.99 3.99
C GLU A 82 1.30 6.96 4.19
N ASP A 83 1.25 6.25 5.31
CA ASP A 83 2.21 5.19 5.59
C ASP A 83 1.57 3.82 5.51
N VAL A 84 0.77 3.60 4.48
CA VAL A 84 0.07 2.34 4.30
C VAL A 84 1.04 1.21 3.96
N TRP A 85 2.25 1.57 3.55
CA TRP A 85 3.28 0.60 3.24
C TRP A 85 3.53 -0.34 4.41
N GLU A 86 3.28 0.16 5.62
CA GLU A 86 3.36 -0.68 6.82
C GLU A 86 2.31 -1.76 6.80
N ILE A 87 1.12 -1.43 6.28
CA ILE A 87 0.05 -2.41 6.13
C ILE A 87 0.32 -3.33 4.94
N LEU A 88 0.79 -2.75 3.85
CA LEU A 88 0.97 -3.49 2.61
C LEU A 88 1.93 -4.65 2.78
N ARG A 89 2.95 -4.45 3.62
CA ARG A 89 3.94 -5.49 3.88
C ARG A 89 3.29 -6.77 4.37
N GLN A 90 2.27 -6.63 5.20
CA GLN A 90 1.59 -7.78 5.79
C GLN A 90 0.24 -8.03 5.14
N ALA A 91 0.07 -7.49 3.94
CA ALA A 91 -1.19 -7.62 3.21
C ALA A 91 -1.00 -8.40 1.92
N PRO A 92 -2.04 -9.11 1.50
CA PRO A 92 -2.04 -9.82 0.22
C PRO A 92 -1.84 -8.86 -0.93
N PRO A 93 -1.15 -9.32 -1.98
CA PRO A 93 -0.90 -8.50 -3.16
C PRO A 93 -2.20 -7.96 -3.74
N SER A 94 -3.27 -8.74 -3.62
CA SER A 94 -4.55 -8.39 -4.23
C SER A 94 -5.20 -7.22 -3.51
N GLU A 95 -4.73 -6.94 -2.30
CA GLU A 95 -5.34 -5.93 -1.45
C GLU A 95 -4.58 -4.61 -1.51
N TYR A 96 -3.48 -4.61 -2.27
CA TYR A 96 -2.61 -3.44 -2.36
C TYR A 96 -3.37 -2.23 -2.89
N GLU A 97 -4.15 -2.45 -3.95
CA GLU A 97 -4.90 -1.37 -4.59
C GLU A 97 -6.06 -0.91 -3.72
N ARG A 98 -6.69 -1.85 -3.03
CA ARG A 98 -7.84 -1.55 -2.20
C ARG A 98 -7.44 -0.81 -0.94
N ILE A 99 -6.28 -1.18 -0.39
CA ILE A 99 -5.73 -0.51 0.79
C ILE A 99 -5.36 0.93 0.47
N ALA A 100 -4.60 1.10 -0.60
CA ALA A 100 -4.22 2.44 -1.06
C ALA A 100 -5.45 3.30 -1.32
N PHE A 101 -6.40 2.76 -2.06
CA PHE A 101 -7.65 3.46 -2.34
C PHE A 101 -8.34 3.91 -1.06
N GLN A 102 -8.42 3.01 -0.09
CA GLN A 102 -9.14 3.27 1.15
C GLN A 102 -8.54 4.46 1.89
N HIS A 103 -7.21 4.60 1.81
CA HIS A 103 -6.50 5.60 2.59
C HIS A 103 -6.17 6.83 1.75
N GLY A 104 -6.65 6.83 0.51
CA GLY A 104 -6.49 7.98 -0.37
C GLY A 104 -5.07 8.08 -0.88
N VAL A 105 -4.38 6.95 -0.93
CA VAL A 105 -3.00 6.90 -1.42
C VAL A 105 -2.97 6.68 -2.92
N THR A 106 -2.34 7.61 -3.64
CA THR A 106 -2.26 7.54 -5.09
C THR A 106 -0.93 6.94 -5.55
N ASP A 107 0.08 7.04 -4.69
CA ASP A 107 1.39 6.49 -4.99
C ASP A 107 1.57 5.11 -4.35
N LEU A 108 0.88 4.12 -4.89
CA LEU A 108 1.00 2.75 -4.40
C LEU A 108 2.41 2.21 -4.62
N ARG A 109 2.98 2.49 -5.78
CA ARG A 109 4.30 2.00 -6.13
C ARG A 109 5.35 2.54 -5.17
N GLY A 110 5.21 3.80 -4.78
CA GLY A 110 6.11 4.41 -3.80
C GLY A 110 5.98 3.74 -2.44
N MET A 111 4.76 3.34 -2.10
CA MET A 111 4.51 2.61 -0.86
C MET A 111 5.07 1.19 -0.93
N LEU A 112 5.07 0.63 -2.13
CA LEU A 112 5.62 -0.71 -2.33
C LEU A 112 7.13 -0.69 -2.34
N LYS A 113 7.70 0.46 -2.69
CA LYS A 113 9.14 0.67 -2.55
C LYS A 113 9.56 0.77 -1.09
N ARG A 114 8.68 1.35 -0.27
CA ARG A 114 8.89 1.37 1.17
C ARG A 114 8.58 0.01 1.79
N LEU A 115 7.64 -0.71 1.19
CA LEU A 115 7.34 -2.08 1.61
C LEU A 115 8.58 -2.95 1.59
N LYS A 116 9.22 -3.03 0.42
CA LYS A 116 10.41 -3.85 0.26
C LYS A 116 11.66 -3.11 0.69
N GLU A 82 0.17 7.79 3.93
CA GLU A 82 1.61 7.93 3.77
C GLU A 82 2.35 6.74 4.38
N ASP A 83 1.76 6.16 5.43
CA ASP A 83 2.37 5.03 6.13
C ASP A 83 1.61 3.74 5.87
N VAL A 84 0.83 3.73 4.79
CA VAL A 84 0.02 2.57 4.44
C VAL A 84 0.89 1.38 4.07
N TRP A 85 2.12 1.67 3.65
CA TRP A 85 3.06 0.63 3.27
C TRP A 85 3.31 -0.35 4.41
N GLU A 86 3.12 0.13 5.64
CA GLU A 86 3.20 -0.73 6.81
C GLU A 86 2.09 -1.78 6.81
N ILE A 87 0.93 -1.40 6.31
CA ILE A 87 -0.17 -2.34 6.11
C ILE A 87 0.09 -3.24 4.90
N LEU A 88 0.58 -2.63 3.83
CA LEU A 88 0.76 -3.34 2.56
C LEU A 88 1.74 -4.49 2.71
N ARG A 89 2.75 -4.29 3.57
CA ARG A 89 3.76 -5.32 3.80
C ARG A 89 3.13 -6.65 4.17
N GLN A 90 2.10 -6.60 5.01
CA GLN A 90 1.47 -7.80 5.53
C GLN A 90 0.18 -8.11 4.78
N ALA A 91 -0.10 -7.33 3.75
CA ALA A 91 -1.34 -7.46 2.99
C ALA A 91 -1.13 -8.32 1.75
N PRO A 92 -2.18 -9.01 1.32
CA PRO A 92 -2.15 -9.74 0.06
C PRO A 92 -1.88 -8.83 -1.11
N PRO A 93 -1.28 -9.38 -2.16
CA PRO A 93 -0.91 -8.60 -3.33
C PRO A 93 -2.15 -8.10 -4.08
N SER A 94 -3.26 -8.80 -3.89
CA SER A 94 -4.51 -8.43 -4.55
C SER A 94 -5.19 -7.27 -3.84
N GLU A 95 -4.80 -7.03 -2.59
CA GLU A 95 -5.45 -6.03 -1.76
C GLU A 95 -4.67 -4.73 -1.72
N TYR A 96 -3.54 -4.70 -2.43
CA TYR A 96 -2.65 -3.55 -2.42
C TYR A 96 -3.39 -2.29 -2.86
N GLU A 97 -4.05 -2.37 -4.01
CA GLU A 97 -4.77 -1.23 -4.57
C GLU A 97 -5.98 -0.87 -3.70
N ARG A 98 -6.72 -1.89 -3.28
CA ARG A 98 -7.97 -1.68 -2.55
C ARG A 98 -7.70 -1.03 -1.20
N ILE A 99 -6.60 -1.41 -0.57
CA ILE A 99 -6.20 -0.82 0.71
C ILE A 99 -5.71 0.61 0.52
N ALA A 100 -4.81 0.79 -0.43
CA ALA A 100 -4.20 2.10 -0.66
C ALA A 100 -5.27 3.16 -0.92
N PHE A 101 -6.27 2.81 -1.71
CA PHE A 101 -7.30 3.76 -2.12
C PHE A 101 -8.12 4.22 -0.93
N GLN A 102 -8.29 3.33 0.05
CA GLN A 102 -9.06 3.65 1.25
C GLN A 102 -8.29 4.63 2.14
N HIS A 103 -6.98 4.72 1.93
CA HIS A 103 -6.15 5.64 2.70
C HIS A 103 -5.82 6.89 1.89
N GLY A 104 -6.43 7.00 0.70
CA GLY A 104 -6.22 8.17 -0.15
C GLY A 104 -4.86 8.12 -0.83
N VAL A 105 -4.32 6.92 -0.97
CA VAL A 105 -3.00 6.74 -1.57
C VAL A 105 -3.13 6.30 -3.03
N THR A 106 -2.66 7.15 -3.94
CA THR A 106 -2.69 6.83 -5.37
C THR A 106 -1.35 6.29 -5.84
N ASP A 107 -0.28 6.70 -5.16
CA ASP A 107 1.05 6.19 -5.47
C ASP A 107 1.32 4.87 -4.74
N LEU A 108 0.73 3.80 -5.24
CA LEU A 108 0.90 2.48 -4.64
C LEU A 108 2.36 2.04 -4.70
N ARG A 109 2.98 2.21 -5.87
CA ARG A 109 4.35 1.76 -6.09
C ARG A 109 5.31 2.46 -5.14
N GLY A 110 5.08 3.75 -4.92
CA GLY A 110 5.88 4.53 -3.97
C GLY A 110 5.83 3.90 -2.59
N MET A 111 4.66 3.39 -2.21
CA MET A 111 4.49 2.75 -0.91
C MET A 111 5.12 1.35 -0.90
N LEU A 112 5.01 0.65 -2.02
CA LEU A 112 5.56 -0.69 -2.15
C LEU A 112 7.08 -0.68 -2.05
N LYS A 113 7.68 0.44 -2.45
CA LYS A 113 9.13 0.61 -2.34
C LYS A 113 9.55 0.82 -0.89
N ARG A 114 8.63 1.31 -0.08
CA ARG A 114 8.93 1.64 1.31
C ARG A 114 8.84 0.42 2.21
N LEU A 115 7.92 -0.49 1.87
CA LEU A 115 7.77 -1.73 2.62
C LEU A 115 8.83 -2.74 2.23
N LYS A 116 9.38 -2.58 1.02
CA LYS A 116 10.42 -3.47 0.52
C LYS A 116 11.81 -2.97 0.93
N GLU A 82 0.39 4.42 10.00
CA GLU A 82 -0.35 5.48 9.33
C GLU A 82 -0.13 5.42 7.82
N ASP A 83 1.05 4.96 7.41
CA ASP A 83 1.38 4.87 6.00
C ASP A 83 0.75 3.66 5.35
N VAL A 84 0.63 3.68 4.02
CA VAL A 84 0.11 2.54 3.27
C VAL A 84 1.08 1.37 3.32
N TRP A 85 2.37 1.66 3.09
CA TRP A 85 3.36 0.61 2.97
C TRP A 85 3.51 -0.18 4.27
N GLU A 86 3.09 0.44 5.37
CA GLU A 86 3.08 -0.23 6.66
C GLU A 86 1.99 -1.30 6.72
N ILE A 87 0.95 -1.12 5.91
CA ILE A 87 -0.13 -2.09 5.84
C ILE A 87 0.13 -3.14 4.78
N LEU A 88 0.82 -2.74 3.71
CA LEU A 88 1.09 -3.64 2.59
C LEU A 88 1.87 -4.86 3.04
N ARG A 89 2.65 -4.70 4.10
CA ARG A 89 3.45 -5.81 4.63
C ARG A 89 2.57 -7.02 4.95
N GLN A 90 1.41 -6.77 5.54
CA GLN A 90 0.55 -7.84 6.02
C GLN A 90 -0.69 -7.98 5.14
N ALA A 91 -0.89 -7.02 4.25
CA ALA A 91 -2.03 -7.05 3.34
C ALA A 91 -1.80 -8.02 2.19
N PRO A 92 -2.89 -8.62 1.71
CA PRO A 92 -2.83 -9.46 0.53
C PRO A 92 -2.29 -8.69 -0.67
N PRO A 93 -1.52 -9.37 -1.51
CA PRO A 93 -0.89 -8.74 -2.66
C PRO A 93 -1.93 -8.33 -3.70
N SER A 94 -3.10 -8.97 -3.65
CA SER A 94 -4.17 -8.67 -4.58
C SER A 94 -4.95 -7.44 -4.16
N GLU A 95 -4.85 -7.09 -2.88
CA GLU A 95 -5.63 -5.99 -2.32
C GLU A 95 -4.81 -4.72 -2.20
N TYR A 96 -3.54 -4.81 -2.60
CA TYR A 96 -2.61 -3.70 -2.45
C TYR A 96 -3.20 -2.41 -2.99
N GLU A 97 -3.68 -2.46 -4.23
CA GLU A 97 -4.29 -1.29 -4.86
C GLU A 97 -5.36 -0.68 -3.97
N ARG A 98 -6.18 -1.53 -3.38
CA ARG A 98 -7.30 -1.08 -2.55
C ARG A 98 -6.80 -0.53 -1.22
N ILE A 99 -5.77 -1.15 -0.67
CA ILE A 99 -5.19 -0.71 0.60
C ILE A 99 -4.69 0.72 0.49
N ALA A 100 -4.07 1.05 -0.64
CA ALA A 100 -3.62 2.42 -0.90
C ALA A 100 -4.81 3.37 -0.99
N PHE A 101 -5.87 2.93 -1.65
CA PHE A 101 -7.06 3.75 -1.84
C PHE A 101 -7.71 4.09 -0.51
N GLN A 102 -7.58 3.20 0.46
CA GLN A 102 -8.13 3.42 1.79
C GLN A 102 -7.51 4.64 2.45
N HIS A 103 -6.28 4.95 2.06
CA HIS A 103 -5.55 6.08 2.66
C HIS A 103 -5.54 7.27 1.71
N GLY A 104 -6.22 7.14 0.59
CA GLY A 104 -6.28 8.21 -0.41
C GLY A 104 -5.00 8.28 -1.22
N VAL A 105 -4.29 7.16 -1.31
CA VAL A 105 -3.04 7.10 -2.04
C VAL A 105 -3.21 6.39 -3.37
N THR A 106 -2.74 7.03 -4.44
CA THR A 106 -2.82 6.45 -5.78
C THR A 106 -1.46 5.90 -6.21
N ASP A 107 -0.40 6.38 -5.57
CA ASP A 107 0.95 5.94 -5.88
C ASP A 107 1.30 4.66 -5.13
N LEU A 108 0.75 3.54 -5.59
CA LEU A 108 1.01 2.25 -4.95
C LEU A 108 2.48 1.86 -5.09
N ARG A 109 3.05 2.12 -6.26
CA ARG A 109 4.43 1.74 -6.54
C ARG A 109 5.40 2.47 -5.62
N GLY A 110 5.09 3.72 -5.32
CA GLY A 110 5.86 4.50 -4.35
C GLY A 110 5.78 3.88 -2.96
N MET A 111 4.60 3.37 -2.62
CA MET A 111 4.40 2.69 -1.34
C MET A 111 5.09 1.33 -1.32
N LEU A 112 5.17 0.71 -2.49
CA LEU A 112 5.86 -0.57 -2.62
C LEU A 112 7.37 -0.40 -2.54
N LYS A 113 7.86 0.77 -2.97
CA LYS A 113 9.25 1.14 -2.80
C LYS A 113 9.59 1.39 -1.34
N ARG A 114 8.65 1.97 -0.61
CA ARG A 114 8.79 2.15 0.83
C ARG A 114 8.59 0.85 1.59
N LEU A 115 7.80 -0.05 1.01
CA LEU A 115 7.59 -1.38 1.59
C LEU A 115 8.88 -2.18 1.58
N LYS A 116 9.51 -2.29 0.41
CA LYS A 116 10.74 -3.06 0.26
C LYS A 116 11.95 -2.24 0.67
N GLU A 82 -2.33 2.96 10.62
CA GLU A 82 -1.03 2.58 10.07
C GLU A 82 -0.81 3.18 8.69
N ASP A 83 0.45 3.25 8.27
CA ASP A 83 0.80 3.78 6.96
C ASP A 83 0.41 2.79 5.86
N VAL A 84 0.25 3.32 4.65
CA VAL A 84 -0.18 2.50 3.52
C VAL A 84 0.82 1.36 3.27
N TRP A 85 2.10 1.64 3.50
CA TRP A 85 3.15 0.67 3.23
C TRP A 85 3.34 -0.28 4.40
N GLU A 86 2.94 0.17 5.59
CA GLU A 86 2.98 -0.66 6.79
C GLU A 86 1.93 -1.77 6.72
N ILE A 87 0.78 -1.45 6.14
CA ILE A 87 -0.27 -2.44 5.91
C ILE A 87 0.05 -3.32 4.72
N LEU A 88 0.58 -2.70 3.67
CA LEU A 88 0.95 -3.43 2.46
C LEU A 88 1.95 -4.56 2.79
N ARG A 89 2.74 -4.35 3.83
CA ARG A 89 3.72 -5.34 4.25
C ARG A 89 3.07 -6.70 4.50
N GLN A 90 1.91 -6.68 5.13
CA GLN A 90 1.24 -7.91 5.57
C GLN A 90 -0.03 -8.16 4.75
N ALA A 91 -0.44 -7.15 3.99
CA ALA A 91 -1.64 -7.27 3.17
C ALA A 91 -1.38 -8.09 1.92
N PRO A 92 -2.38 -8.84 1.49
CA PRO A 92 -2.32 -9.57 0.23
C PRO A 92 -2.12 -8.62 -0.95
N PRO A 93 -1.45 -9.11 -1.99
CA PRO A 93 -1.20 -8.32 -3.17
C PRO A 93 -2.49 -7.75 -3.75
N SER A 94 -3.56 -8.53 -3.63
CA SER A 94 -4.84 -8.17 -4.24
C SER A 94 -5.52 -7.05 -3.46
N GLU A 95 -5.07 -6.83 -2.23
CA GLU A 95 -5.69 -5.85 -1.35
C GLU A 95 -4.90 -4.55 -1.33
N TYR A 96 -3.80 -4.53 -2.07
CA TYR A 96 -2.94 -3.36 -2.11
C TYR A 96 -3.68 -2.13 -2.62
N GLU A 97 -4.50 -2.33 -3.64
CA GLU A 97 -5.27 -1.24 -4.23
C GLU A 97 -6.36 -0.77 -3.27
N ARG A 98 -6.89 -1.70 -2.48
CA ARG A 98 -7.96 -1.37 -1.54
C ARG A 98 -7.43 -0.53 -0.38
N ILE A 99 -6.20 -0.82 0.04
CA ILE A 99 -5.56 -0.06 1.10
C ILE A 99 -5.10 1.31 0.61
N ALA A 100 -4.48 1.33 -0.56
CA ALA A 100 -4.06 2.59 -1.19
C ALA A 100 -5.25 3.50 -1.42
N PHE A 101 -6.38 2.92 -1.82
CA PHE A 101 -7.61 3.68 -2.02
C PHE A 101 -7.99 4.46 -0.76
N GLN A 102 -7.98 3.77 0.38
CA GLN A 102 -8.39 4.38 1.64
C GLN A 102 -7.43 5.48 2.06
N HIS A 103 -6.14 5.28 1.77
CA HIS A 103 -5.12 6.25 2.12
C HIS A 103 -5.09 7.40 1.13
N GLY A 104 -5.60 7.16 -0.07
CA GLY A 104 -5.61 8.17 -1.12
C GLY A 104 -4.31 8.15 -1.92
N VAL A 105 -3.67 6.99 -1.95
CA VAL A 105 -2.40 6.84 -2.66
C VAL A 105 -2.62 6.49 -4.12
N THR A 106 -2.04 7.29 -5.01
CA THR A 106 -2.15 7.05 -6.45
C THR A 106 -0.92 6.32 -6.98
N ASP A 107 0.20 6.49 -6.28
CA ASP A 107 1.43 5.76 -6.63
C ASP A 107 1.62 4.54 -5.74
N LEU A 108 0.88 3.48 -6.04
CA LEU A 108 0.95 2.25 -5.24
C LEU A 108 2.35 1.66 -5.28
N ARG A 109 2.93 1.59 -6.47
CA ARG A 109 4.24 0.97 -6.65
C ARG A 109 5.33 1.74 -5.92
N GLY A 110 5.20 3.07 -5.91
CA GLY A 110 6.14 3.92 -5.20
C GLY A 110 6.16 3.60 -3.70
N MET A 111 4.99 3.35 -3.14
CA MET A 111 4.87 3.01 -1.74
C MET A 111 5.38 1.60 -1.47
N LEU A 112 5.18 0.71 -2.43
CA LEU A 112 5.68 -0.66 -2.34
C LEU A 112 7.20 -0.70 -2.45
N LYS A 113 7.76 0.26 -3.18
CA LYS A 113 9.21 0.38 -3.32
C LYS A 113 9.83 1.02 -2.09
N ARG A 114 9.11 1.97 -1.49
CA ARG A 114 9.56 2.63 -0.29
C ARG A 114 9.16 1.86 0.96
N LEU A 115 8.37 0.81 0.77
CA LEU A 115 7.97 -0.07 1.86
C LEU A 115 9.17 -0.55 2.65
N LYS A 116 10.11 -1.19 1.96
CA LYS A 116 11.32 -1.70 2.61
C LYS A 116 12.43 -0.67 2.58
N GLU A 82 -0.23 3.72 11.65
CA GLU A 82 0.80 3.12 10.81
C GLU A 82 0.81 3.74 9.42
N ASP A 83 1.92 3.60 8.72
CA ASP A 83 2.04 4.10 7.34
C ASP A 83 1.30 3.19 6.37
N VAL A 84 0.98 3.72 5.20
CA VAL A 84 0.26 2.96 4.18
C VAL A 84 1.05 1.74 3.73
N TRP A 85 2.35 1.93 3.54
CA TRP A 85 3.21 0.85 3.07
C TRP A 85 3.51 -0.14 4.20
N GLU A 86 3.38 0.32 5.43
CA GLU A 86 3.44 -0.57 6.59
C GLU A 86 2.19 -1.44 6.67
N ILE A 87 1.06 -0.89 6.24
CA ILE A 87 -0.16 -1.68 6.09
C ILE A 87 -0.05 -2.66 4.92
N LEU A 88 0.48 -2.17 3.80
CA LEU A 88 0.67 -3.02 2.63
C LEU A 88 1.60 -4.18 2.92
N ARG A 89 2.54 -3.97 3.84
CA ARG A 89 3.47 -5.01 4.24
C ARG A 89 2.75 -6.29 4.62
N GLN A 90 1.63 -6.14 5.32
CA GLN A 90 0.91 -7.28 5.87
C GLN A 90 -0.39 -7.52 5.12
N ALA A 91 -0.76 -6.57 4.26
CA ALA A 91 -1.97 -6.67 3.45
C ALA A 91 -1.79 -7.66 2.31
N PRO A 92 -2.89 -8.26 1.88
CA PRO A 92 -2.87 -9.15 0.72
C PRO A 92 -2.35 -8.44 -0.52
N PRO A 93 -1.42 -9.08 -1.21
CA PRO A 93 -0.83 -8.51 -2.42
C PRO A 93 -1.90 -8.12 -3.42
N SER A 94 -2.97 -8.91 -3.48
CA SER A 94 -4.02 -8.71 -4.47
C SER A 94 -4.90 -7.52 -4.09
N GLU A 95 -4.82 -7.11 -2.84
CA GLU A 95 -5.65 -6.02 -2.34
C GLU A 95 -4.84 -4.75 -2.13
N TYR A 96 -3.66 -4.70 -2.74
CA TYR A 96 -2.76 -3.56 -2.60
C TYR A 96 -3.37 -2.29 -3.19
N GLU A 97 -4.15 -2.48 -4.25
CA GLU A 97 -4.81 -1.35 -4.90
C GLU A 97 -5.94 -0.80 -4.03
N ARG A 98 -6.72 -1.70 -3.44
CA ARG A 98 -7.84 -1.30 -2.60
C ARG A 98 -7.36 -0.59 -1.34
N ILE A 99 -6.28 -1.10 -0.76
CA ILE A 99 -5.67 -0.47 0.40
C ILE A 99 -5.12 0.90 0.08
N ALA A 100 -4.42 1.00 -1.05
CA ALA A 100 -3.85 2.28 -1.49
C ALA A 100 -4.91 3.36 -1.58
N PHE A 101 -5.95 3.11 -2.37
CA PHE A 101 -6.97 4.10 -2.64
C PHE A 101 -7.83 4.36 -1.42
N GLN A 102 -7.89 3.37 -0.52
CA GLN A 102 -8.58 3.53 0.75
C GLN A 102 -7.95 4.64 1.58
N HIS A 103 -6.65 4.84 1.41
CA HIS A 103 -5.91 5.83 2.19
C HIS A 103 -5.60 7.06 1.35
N GLY A 104 -6.19 7.13 0.16
CA GLY A 104 -6.05 8.30 -0.71
C GLY A 104 -4.74 8.24 -1.48
N VAL A 105 -4.17 7.04 -1.58
CA VAL A 105 -2.91 6.85 -2.30
C VAL A 105 -3.17 6.37 -3.73
N THR A 106 -2.63 7.10 -4.70
CA THR A 106 -2.74 6.72 -6.10
C THR A 106 -1.45 6.07 -6.59
N ASP A 107 -0.34 6.40 -5.95
CA ASP A 107 0.96 5.83 -6.30
C ASP A 107 1.26 4.61 -5.45
N LEU A 108 0.75 3.46 -5.87
CA LEU A 108 0.95 2.22 -5.14
C LEU A 108 2.42 1.81 -5.13
N ARG A 109 3.06 1.88 -6.30
CA ARG A 109 4.44 1.46 -6.43
C ARG A 109 5.37 2.28 -5.56
N GLY A 110 5.04 3.56 -5.41
CA GLY A 110 5.79 4.45 -4.52
C GLY A 110 5.77 3.95 -3.08
N MET A 111 4.61 3.43 -2.67
CA MET A 111 4.47 2.85 -1.34
C MET A 111 5.16 1.50 -1.24
N LEU A 112 5.17 0.76 -2.35
CA LEU A 112 5.79 -0.56 -2.39
C LEU A 112 7.31 -0.44 -2.38
N LYS A 113 7.82 0.69 -2.84
CA LYS A 113 9.25 0.99 -2.73
C LYS A 113 9.65 1.26 -1.28
N ARG A 114 8.75 1.87 -0.52
CA ARG A 114 8.94 2.04 0.90
C ARG A 114 8.71 0.74 1.65
N LEU A 115 7.80 -0.08 1.14
CA LEU A 115 7.55 -1.40 1.71
C LEU A 115 8.82 -2.24 1.74
N LYS A 116 9.45 -2.40 0.58
CA LYS A 116 10.66 -3.20 0.46
C LYS A 116 11.89 -2.38 0.83
N GLU A 82 2.68 7.09 6.41
CA GLU A 82 3.69 6.05 6.59
C GLU A 82 3.05 4.73 6.99
N ASP A 83 1.84 4.80 7.52
CA ASP A 83 1.11 3.60 7.94
C ASP A 83 0.59 2.83 6.75
N VAL A 84 0.54 3.48 5.59
CA VAL A 84 -0.03 2.87 4.40
C VAL A 84 0.77 1.64 3.98
N TRP A 85 2.06 1.80 3.77
CA TRP A 85 2.92 0.72 3.30
C TRP A 85 3.21 -0.27 4.41
N GLU A 86 3.03 0.16 5.66
CA GLU A 86 3.14 -0.72 6.80
C GLU A 86 1.97 -1.72 6.83
N ILE A 87 0.80 -1.26 6.44
CA ILE A 87 -0.34 -2.14 6.25
C ILE A 87 -0.15 -3.04 5.04
N LEU A 88 0.35 -2.46 3.95
CA LEU A 88 0.57 -3.20 2.72
C LEU A 88 1.55 -4.35 2.94
N ARG A 89 2.53 -4.13 3.79
CA ARG A 89 3.57 -5.11 4.05
C ARG A 89 2.98 -6.44 4.49
N GLN A 90 1.95 -6.37 5.33
CA GLN A 90 1.34 -7.57 5.89
C GLN A 90 0.08 -7.97 5.12
N ALA A 91 -0.19 -7.25 4.04
CA ALA A 91 -1.40 -7.47 3.25
C ALA A 91 -1.09 -8.28 1.99
N PRO A 92 -2.10 -8.95 1.46
CA PRO A 92 -1.97 -9.67 0.21
C PRO A 92 -1.83 -8.72 -0.97
N PRO A 93 -1.17 -9.17 -2.03
CA PRO A 93 -0.85 -8.31 -3.16
C PRO A 93 -2.09 -7.93 -3.95
N SER A 94 -3.16 -8.71 -3.76
CA SER A 94 -4.40 -8.51 -4.51
C SER A 94 -5.18 -7.33 -3.95
N GLU A 95 -4.85 -6.92 -2.73
CA GLU A 95 -5.61 -5.90 -2.02
C GLU A 95 -4.81 -4.62 -1.85
N TYR A 96 -3.67 -4.55 -2.53
CA TYR A 96 -2.78 -3.41 -2.43
C TYR A 96 -3.42 -2.15 -3.01
N GLU A 97 -4.19 -2.34 -4.08
CA GLU A 97 -4.93 -1.24 -4.69
C GLU A 97 -6.10 -0.82 -3.82
N ARG A 98 -6.77 -1.80 -3.23
CA ARG A 98 -7.92 -1.53 -2.37
C ARG A 98 -7.51 -0.77 -1.12
N ILE A 99 -6.35 -1.14 -0.57
CA ILE A 99 -5.83 -0.48 0.62
C ILE A 99 -5.36 0.94 0.30
N ALA A 100 -4.56 1.07 -0.76
CA ALA A 100 -4.04 2.37 -1.17
C ALA A 100 -5.16 3.36 -1.41
N PHE A 101 -6.16 2.94 -2.18
CA PHE A 101 -7.26 3.82 -2.56
C PHE A 101 -8.11 4.19 -1.35
N GLN A 102 -8.14 3.31 -0.36
CA GLN A 102 -8.84 3.58 0.89
C GLN A 102 -8.18 4.73 1.65
N HIS A 103 -6.87 4.88 1.47
CA HIS A 103 -6.12 5.93 2.15
C HIS A 103 -6.02 7.18 1.28
N GLY A 104 -6.42 7.05 0.02
CA GLY A 104 -6.35 8.17 -0.91
C GLY A 104 -5.00 8.19 -1.63
N VAL A 105 -4.30 7.07 -1.60
CA VAL A 105 -3.00 6.97 -2.23
C VAL A 105 -3.11 6.41 -3.65
N THR A 106 -2.57 7.15 -4.62
CA THR A 106 -2.56 6.72 -6.00
C THR A 106 -1.21 6.14 -6.38
N ASP A 107 -0.17 6.60 -5.71
CA ASP A 107 1.18 6.09 -5.93
C ASP A 107 1.43 4.83 -5.10
N LEU A 108 0.85 3.72 -5.53
CA LEU A 108 1.03 2.44 -4.85
C LEU A 108 2.48 1.98 -4.90
N ARG A 109 3.10 2.12 -6.07
CA ARG A 109 4.48 1.69 -6.27
C ARG A 109 5.42 2.42 -5.34
N GLY A 110 5.15 3.70 -5.11
CA GLY A 110 5.92 4.50 -4.16
C GLY A 110 5.80 3.92 -2.74
N MET A 111 4.61 3.46 -2.40
CA MET A 111 4.37 2.83 -1.10
C MET A 111 5.01 1.45 -1.04
N LEU A 112 5.08 0.79 -2.19
CA LEU A 112 5.67 -0.55 -2.26
C LEU A 112 7.19 -0.49 -2.17
N LYS A 113 7.76 0.64 -2.57
CA LYS A 113 9.18 0.90 -2.38
C LYS A 113 9.53 1.05 -0.90
N ARG A 114 8.61 1.64 -0.15
CA ARG A 114 8.75 1.74 1.30
C ARG A 114 8.39 0.42 1.97
N LEU A 115 7.45 -0.30 1.38
CA LEU A 115 7.08 -1.63 1.86
C LEU A 115 8.30 -2.54 1.95
N LYS A 116 9.03 -2.65 0.84
CA LYS A 116 10.22 -3.49 0.78
C LYS A 116 11.46 -2.74 1.26
N GLU A 82 1.35 7.62 3.34
CA GLU A 82 2.76 7.77 3.68
C GLU A 82 3.28 6.57 4.46
N ASP A 83 2.39 5.97 5.24
CA ASP A 83 2.77 4.85 6.10
C ASP A 83 1.83 3.66 5.91
N VAL A 84 1.00 3.73 4.87
CA VAL A 84 0.07 2.65 4.56
C VAL A 84 0.80 1.38 4.18
N TRP A 85 2.06 1.52 3.78
CA TRP A 85 2.88 0.39 3.37
C TRP A 85 3.13 -0.54 4.55
N GLU A 86 2.98 -0.02 5.76
CA GLU A 86 3.02 -0.84 6.96
C GLU A 86 1.83 -1.77 7.06
N ILE A 87 0.69 -1.30 6.57
CA ILE A 87 -0.49 -2.15 6.40
C ILE A 87 -0.30 -3.13 5.26
N LEU A 88 0.30 -2.66 4.17
CA LEU A 88 0.52 -3.49 2.99
C LEU A 88 1.51 -4.61 3.28
N ARG A 89 2.32 -4.43 4.31
CA ARG A 89 3.32 -5.42 4.69
C ARG A 89 2.70 -6.80 4.84
N GLN A 90 1.54 -6.85 5.51
CA GLN A 90 0.90 -8.12 5.83
C GLN A 90 -0.35 -8.33 4.98
N ALA A 91 -0.48 -7.54 3.92
CA ALA A 91 -1.65 -7.62 3.05
C ALA A 91 -1.34 -8.42 1.79
N PRO A 92 -2.35 -9.12 1.28
CA PRO A 92 -2.23 -9.81 0.01
C PRO A 92 -1.92 -8.85 -1.13
N PRO A 93 -1.13 -9.31 -2.10
CA PRO A 93 -0.77 -8.49 -3.25
C PRO A 93 -2.02 -7.95 -3.94
N SER A 94 -3.09 -8.74 -3.94
CA SER A 94 -4.31 -8.38 -4.64
C SER A 94 -5.03 -7.24 -3.95
N GLU A 95 -4.72 -7.03 -2.67
CA GLU A 95 -5.42 -6.05 -1.85
C GLU A 95 -4.63 -4.76 -1.74
N TYR A 96 -3.46 -4.72 -2.37
CA TYR A 96 -2.59 -3.55 -2.32
C TYR A 96 -3.30 -2.32 -2.86
N GLU A 97 -3.88 -2.45 -4.05
CA GLU A 97 -4.57 -1.33 -4.68
C GLU A 97 -5.81 -0.93 -3.90
N ARG A 98 -6.56 -1.92 -3.44
CA ARG A 98 -7.83 -1.66 -2.75
C ARG A 98 -7.59 -0.98 -1.41
N ILE A 99 -6.53 -1.38 -0.72
CA ILE A 99 -6.17 -0.78 0.55
C ILE A 99 -5.70 0.66 0.36
N ALA A 100 -4.83 0.87 -0.61
CA ALA A 100 -4.25 2.19 -0.85
C ALA A 100 -5.35 3.23 -1.06
N PHE A 101 -6.35 2.89 -1.86
CA PHE A 101 -7.40 3.83 -2.23
C PHE A 101 -8.23 4.22 -1.02
N GLN A 102 -8.34 3.32 -0.06
CA GLN A 102 -9.10 3.57 1.16
C GLN A 102 -8.40 4.59 2.04
N HIS A 103 -7.09 4.73 1.85
CA HIS A 103 -6.30 5.66 2.64
C HIS A 103 -5.94 6.91 1.85
N GLY A 104 -6.54 7.04 0.67
CA GLY A 104 -6.32 8.21 -0.18
C GLY A 104 -4.96 8.16 -0.85
N VAL A 105 -4.42 6.96 -1.01
CA VAL A 105 -3.11 6.77 -1.61
C VAL A 105 -3.21 6.32 -3.05
N THR A 106 -2.65 7.10 -3.96
CA THR A 106 -2.64 6.75 -5.38
C THR A 106 -1.29 6.22 -5.81
N ASP A 107 -0.24 6.63 -5.10
CA ASP A 107 1.11 6.15 -5.38
C ASP A 107 1.38 4.84 -4.66
N LEU A 108 0.81 3.76 -5.18
CA LEU A 108 0.99 2.44 -4.59
C LEU A 108 2.43 1.97 -4.71
N ARG A 109 3.05 2.25 -5.85
CA ARG A 109 4.42 1.82 -6.11
C ARG A 109 5.40 2.49 -5.17
N GLY A 110 5.12 3.75 -4.82
CA GLY A 110 5.94 4.48 -3.86
C GLY A 110 5.84 3.86 -2.47
N MET A 111 4.66 3.38 -2.13
CA MET A 111 4.42 2.73 -0.85
C MET A 111 5.07 1.34 -0.82
N LEU A 112 5.00 0.64 -1.94
CA LEU A 112 5.61 -0.68 -2.05
C LEU A 112 7.12 -0.59 -2.16
N LYS A 113 7.61 0.59 -2.56
CA LYS A 113 9.03 0.88 -2.51
C LYS A 113 9.50 1.08 -1.08
N ARG A 114 8.70 1.80 -0.30
CA ARG A 114 8.96 1.97 1.13
C ARG A 114 8.86 0.64 1.87
N LEU A 115 7.95 -0.21 1.40
CA LEU A 115 7.80 -1.55 1.97
C LEU A 115 9.03 -2.40 1.67
N LYS A 116 9.45 -2.41 0.42
CA LYS A 116 10.63 -3.17 0.01
C LYS A 116 11.86 -2.72 0.78
N GLU A 82 1.54 2.08 11.02
CA GLU A 82 0.78 3.32 10.90
C GLU A 82 0.80 3.86 9.47
N ASP A 83 1.91 3.62 8.79
CA ASP A 83 2.07 4.09 7.41
C ASP A 83 1.29 3.21 6.44
N VAL A 84 1.01 3.74 5.25
CA VAL A 84 0.27 3.01 4.24
C VAL A 84 1.02 1.77 3.78
N TRP A 85 2.32 1.93 3.56
CA TRP A 85 3.15 0.84 3.07
C TRP A 85 3.42 -0.18 4.17
N GLU A 86 3.27 0.24 5.42
CA GLU A 86 3.31 -0.67 6.55
C GLU A 86 2.05 -1.52 6.62
N ILE A 87 0.91 -0.91 6.27
CA ILE A 87 -0.33 -1.65 6.10
C ILE A 87 -0.24 -2.62 4.93
N LEU A 88 0.35 -2.16 3.84
CA LEU A 88 0.56 -3.00 2.66
C LEU A 88 1.52 -4.14 2.97
N ARG A 89 2.50 -3.87 3.82
CA ARG A 89 3.51 -4.86 4.17
C ARG A 89 2.87 -6.13 4.74
N GLN A 90 1.85 -5.94 5.57
CA GLN A 90 1.19 -7.07 6.23
C GLN A 90 -0.10 -7.43 5.51
N ALA A 91 -0.20 -7.03 4.24
CA ALA A 91 -1.42 -7.26 3.46
C ALA A 91 -1.14 -8.12 2.24
N PRO A 92 -2.18 -8.76 1.73
CA PRO A 92 -2.06 -9.56 0.51
C PRO A 92 -1.87 -8.68 -0.72
N PRO A 93 -1.17 -9.20 -1.71
CA PRO A 93 -0.79 -8.40 -2.87
C PRO A 93 -1.99 -8.13 -3.77
N SER A 94 -3.06 -8.89 -3.56
CA SER A 94 -4.25 -8.78 -4.39
C SER A 94 -5.09 -7.57 -4.00
N GLU A 95 -4.80 -7.01 -2.83
CA GLU A 95 -5.61 -5.92 -2.28
C GLU A 95 -4.75 -4.70 -1.97
N TYR A 96 -3.64 -4.58 -2.67
CA TYR A 96 -2.74 -3.45 -2.49
C TYR A 96 -3.34 -2.18 -3.08
N GLU A 97 -4.04 -2.32 -4.20
CA GLU A 97 -4.76 -1.21 -4.80
C GLU A 97 -5.97 -0.81 -3.95
N ARG A 98 -6.66 -1.82 -3.41
CA ARG A 98 -7.85 -1.58 -2.61
C ARG A 98 -7.51 -0.83 -1.32
N ILE A 99 -6.36 -1.16 -0.74
CA ILE A 99 -5.89 -0.47 0.45
C ILE A 99 -5.46 0.95 0.13
N ALA A 100 -4.61 1.10 -0.88
CA ALA A 100 -4.05 2.39 -1.24
C ALA A 100 -5.15 3.42 -1.51
N PHE A 101 -6.18 2.98 -2.23
CA PHE A 101 -7.24 3.88 -2.65
C PHE A 101 -8.04 4.40 -1.46
N GLN A 102 -8.11 3.60 -0.40
CA GLN A 102 -8.84 3.97 0.79
C GLN A 102 -8.06 4.99 1.62
N HIS A 103 -6.78 5.16 1.29
CA HIS A 103 -5.93 6.14 1.96
C HIS A 103 -5.70 7.35 1.08
N GLY A 104 -6.30 7.35 -0.11
CA GLY A 104 -6.12 8.44 -1.06
C GLY A 104 -4.76 8.36 -1.74
N VAL A 105 -4.20 7.15 -1.80
CA VAL A 105 -2.89 6.94 -2.41
C VAL A 105 -3.03 6.38 -3.81
N THR A 106 -2.57 7.15 -4.80
CA THR A 106 -2.57 6.70 -6.18
C THR A 106 -1.22 6.11 -6.57
N ASP A 107 -0.16 6.57 -5.91
CA ASP A 107 1.17 6.03 -6.14
C ASP A 107 1.42 4.79 -5.31
N LEU A 108 0.82 3.68 -5.71
CA LEU A 108 0.98 2.42 -5.01
C LEU A 108 2.43 1.93 -5.07
N ARG A 109 3.04 2.07 -6.23
CA ARG A 109 4.41 1.61 -6.43
C ARG A 109 5.38 2.35 -5.52
N GLY A 110 5.11 3.63 -5.31
CA GLY A 110 5.90 4.43 -4.37
C GLY A 110 5.83 3.86 -2.96
N MET A 111 4.64 3.41 -2.57
CA MET A 111 4.44 2.79 -1.27
C MET A 111 5.10 1.40 -1.22
N LEU A 112 5.11 0.72 -2.36
CA LEU A 112 5.68 -0.61 -2.44
C LEU A 112 7.21 -0.55 -2.44
N LYS A 113 7.76 0.58 -2.87
CA LYS A 113 9.19 0.83 -2.76
C LYS A 113 9.60 1.03 -1.30
N ARG A 114 8.71 1.66 -0.53
CA ARG A 114 8.92 1.79 0.91
C ARG A 114 8.64 0.46 1.62
N LEU A 115 7.70 -0.30 1.09
CA LEU A 115 7.39 -1.62 1.62
C LEU A 115 8.63 -2.52 1.62
N LYS A 116 9.25 -2.66 0.45
CA LYS A 116 10.43 -3.50 0.30
C LYS A 116 11.69 -2.74 0.70
N GLU A 82 1.44 7.27 5.27
CA GLU A 82 2.41 6.90 6.28
C GLU A 82 2.10 5.52 6.87
N ASP A 83 0.81 5.21 6.97
CA ASP A 83 0.38 3.92 7.49
C ASP A 83 0.11 2.93 6.36
N VAL A 84 -0.09 3.46 5.16
CA VAL A 84 -0.51 2.64 4.03
C VAL A 84 0.54 1.57 3.70
N TRP A 85 1.79 2.00 3.65
CA TRP A 85 2.88 1.11 3.24
C TRP A 85 3.28 0.17 4.36
N GLU A 86 2.90 0.51 5.59
CA GLU A 86 3.06 -0.39 6.72
C GLU A 86 2.02 -1.50 6.69
N ILE A 87 0.82 -1.17 6.23
CA ILE A 87 -0.24 -2.16 6.08
C ILE A 87 -0.01 -3.04 4.86
N LEU A 88 0.50 -2.43 3.80
CA LEU A 88 0.80 -3.16 2.56
C LEU A 88 1.72 -4.34 2.83
N ARG A 89 2.61 -4.18 3.82
CA ARG A 89 3.53 -5.25 4.20
C ARG A 89 2.78 -6.48 4.66
N GLN A 90 1.61 -6.28 5.25
CA GLN A 90 0.82 -7.38 5.79
C GLN A 90 -0.37 -7.70 4.90
N ALA A 91 -0.49 -6.97 3.79
CA ALA A 91 -1.62 -7.12 2.89
C ALA A 91 -1.27 -8.03 1.71
N PRO A 92 -2.23 -8.83 1.28
CA PRO A 92 -2.06 -9.67 0.10
C PRO A 92 -1.76 -8.83 -1.13
N PRO A 93 -1.03 -9.43 -2.07
CA PRO A 93 -0.66 -8.73 -3.30
C PRO A 93 -1.88 -8.18 -4.02
N SER A 94 -2.98 -8.92 -3.94
CA SER A 94 -4.20 -8.55 -4.66
C SER A 94 -4.90 -7.37 -3.98
N GLU A 95 -4.55 -7.12 -2.72
CA GLU A 95 -5.23 -6.10 -1.94
C GLU A 95 -4.40 -4.81 -1.89
N TYR A 96 -3.27 -4.82 -2.56
CA TYR A 96 -2.35 -3.69 -2.54
C TYR A 96 -3.07 -2.40 -2.93
N GLU A 97 -3.77 -2.43 -4.05
CA GLU A 97 -4.47 -1.25 -4.55
C GLU A 97 -5.55 -0.79 -3.59
N ARG A 98 -6.29 -1.75 -3.04
CA ARG A 98 -7.41 -1.44 -2.16
C ARG A 98 -6.94 -0.77 -0.87
N ILE A 99 -5.82 -1.24 -0.34
CA ILE A 99 -5.23 -0.66 0.85
C ILE A 99 -4.80 0.79 0.61
N ALA A 100 -4.20 1.03 -0.56
CA ALA A 100 -3.84 2.39 -0.95
C ALA A 100 -5.07 3.27 -1.10
N PHE A 101 -6.14 2.70 -1.63
CA PHE A 101 -7.37 3.44 -1.85
C PHE A 101 -7.98 3.90 -0.53
N GLN A 102 -7.80 3.10 0.51
CA GLN A 102 -8.32 3.43 1.83
C GLN A 102 -7.66 4.68 2.39
N HIS A 103 -6.43 4.94 1.95
CA HIS A 103 -5.66 6.07 2.46
C HIS A 103 -5.66 7.23 1.47
N GLY A 104 -6.32 7.02 0.32
CA GLY A 104 -6.40 8.04 -0.71
C GLY A 104 -5.08 8.16 -1.46
N VAL A 105 -4.30 7.08 -1.46
CA VAL A 105 -2.99 7.08 -2.10
C VAL A 105 -3.06 6.53 -3.51
N THR A 106 -2.58 7.30 -4.47
CA THR A 106 -2.58 6.87 -5.87
C THR A 106 -1.22 6.29 -6.27
N ASP A 107 -0.17 6.71 -5.56
CA ASP A 107 1.17 6.19 -5.80
C ASP A 107 1.40 4.89 -5.04
N LEU A 108 0.81 3.81 -5.53
CA LEU A 108 0.97 2.49 -4.91
C LEU A 108 2.43 2.03 -4.99
N ARG A 109 3.04 2.20 -6.15
CA ARG A 109 4.39 1.73 -6.37
C ARG A 109 5.38 2.40 -5.41
N GLY A 110 5.18 3.69 -5.17
CA GLY A 110 5.99 4.43 -4.21
C GLY A 110 5.85 3.86 -2.81
N MET A 111 4.64 3.43 -2.46
CA MET A 111 4.38 2.82 -1.17
C MET A 111 4.92 1.40 -1.11
N LEU A 112 4.98 0.73 -2.27
CA LEU A 112 5.53 -0.61 -2.36
C LEU A 112 7.05 -0.58 -2.28
N LYS A 113 7.64 0.56 -2.64
CA LYS A 113 9.07 0.78 -2.44
C LYS A 113 9.39 0.93 -0.97
N ARG A 114 8.44 1.45 -0.19
CA ARG A 114 8.57 1.49 1.26
C ARG A 114 8.23 0.14 1.88
N LEU A 115 7.33 -0.59 1.24
CA LEU A 115 7.02 -1.96 1.64
C LEU A 115 8.28 -2.81 1.70
N LYS A 116 8.96 -2.91 0.57
CA LYS A 116 10.16 -3.73 0.48
C LYS A 116 11.42 -2.92 0.82
N GLU A 82 0.42 7.70 3.75
CA GLU A 82 1.87 7.74 3.57
C GLU A 82 2.53 6.53 4.23
N ASP A 83 1.91 6.03 5.30
CA ASP A 83 2.43 4.88 6.02
C ASP A 83 1.56 3.66 5.79
N VAL A 84 0.80 3.66 4.70
CA VAL A 84 -0.11 2.55 4.39
C VAL A 84 0.66 1.30 4.01
N TRP A 85 1.91 1.48 3.60
CA TRP A 85 2.75 0.35 3.22
C TRP A 85 2.98 -0.59 4.39
N GLU A 86 2.82 -0.08 5.60
CA GLU A 86 2.92 -0.89 6.80
C GLU A 86 1.80 -1.91 6.89
N ILE A 87 0.62 -1.51 6.40
CA ILE A 87 -0.50 -2.44 6.26
C ILE A 87 -0.29 -3.39 5.09
N LEU A 88 0.23 -2.85 3.99
CA LEU A 88 0.47 -3.66 2.78
C LEU A 88 1.52 -4.72 3.05
N ARG A 89 2.41 -4.46 4.00
CA ARG A 89 3.45 -5.41 4.36
C ARG A 89 2.87 -6.78 4.69
N GLN A 90 1.74 -6.78 5.40
CA GLN A 90 1.12 -8.02 5.86
C GLN A 90 -0.18 -8.29 5.12
N ALA A 91 -0.35 -7.64 3.97
CA ALA A 91 -1.57 -7.79 3.19
C ALA A 91 -1.30 -8.54 1.88
N PRO A 92 -2.31 -9.26 1.41
CA PRO A 92 -2.23 -9.94 0.12
C PRO A 92 -1.94 -8.94 -1.00
N PRO A 93 -1.34 -9.44 -2.07
CA PRO A 93 -0.94 -8.59 -3.19
C PRO A 93 -2.16 -8.03 -3.91
N SER A 94 -3.30 -8.70 -3.75
CA SER A 94 -4.54 -8.27 -4.37
C SER A 94 -5.16 -7.09 -3.63
N GLU A 95 -4.70 -6.87 -2.40
CA GLU A 95 -5.29 -5.87 -1.53
C GLU A 95 -4.48 -4.58 -1.52
N TYR A 96 -3.35 -4.60 -2.23
CA TYR A 96 -2.45 -3.46 -2.27
C TYR A 96 -3.15 -2.21 -2.79
N GLU A 97 -3.81 -2.35 -3.93
CA GLU A 97 -4.50 -1.22 -4.56
C GLU A 97 -5.67 -0.76 -3.72
N ARG A 98 -6.51 -1.70 -3.29
CA ARG A 98 -7.71 -1.38 -2.54
C ARG A 98 -7.39 -0.66 -1.24
N ILE A 99 -6.52 -1.26 -0.44
CA ILE A 99 -6.15 -0.69 0.85
C ILE A 99 -5.57 0.71 0.68
N ALA A 100 -4.68 0.86 -0.28
CA ALA A 100 -4.12 2.18 -0.60
C ALA A 100 -5.21 3.18 -0.92
N PHE A 101 -6.18 2.77 -1.72
CA PHE A 101 -7.26 3.66 -2.14
C PHE A 101 -8.13 4.06 -0.95
N GLN A 102 -8.23 3.17 0.03
CA GLN A 102 -9.03 3.43 1.22
C GLN A 102 -8.39 4.51 2.08
N HIS A 103 -7.08 4.70 1.91
CA HIS A 103 -6.35 5.69 2.69
C HIS A 103 -6.03 6.92 1.86
N GLY A 104 -6.55 6.95 0.63
CA GLY A 104 -6.38 8.10 -0.25
C GLY A 104 -5.00 8.11 -0.88
N VAL A 105 -4.38 6.93 -0.97
CA VAL A 105 -3.05 6.80 -1.56
C VAL A 105 -3.14 6.33 -3.01
N THR A 106 -2.56 7.13 -3.91
CA THR A 106 -2.57 6.79 -5.33
C THR A 106 -1.21 6.29 -5.78
N ASP A 107 -0.16 6.70 -5.06
CA ASP A 107 1.19 6.25 -5.35
C ASP A 107 1.49 4.90 -4.69
N LEU A 108 0.91 3.84 -5.24
CA LEU A 108 1.11 2.51 -4.69
C LEU A 108 2.55 2.05 -4.84
N ARG A 109 3.15 2.38 -5.99
CA ARG A 109 4.51 1.97 -6.28
C ARG A 109 5.50 2.61 -5.32
N GLY A 110 5.22 3.85 -4.93
CA GLY A 110 6.03 4.54 -3.92
C GLY A 110 5.91 3.86 -2.56
N MET A 111 4.70 3.44 -2.22
CA MET A 111 4.46 2.75 -0.96
C MET A 111 5.15 1.39 -0.93
N LEU A 112 5.10 0.69 -2.06
CA LEU A 112 5.70 -0.64 -2.16
C LEU A 112 7.21 -0.54 -2.26
N LYS A 113 7.70 0.59 -2.76
CA LYS A 113 9.14 0.86 -2.77
C LYS A 113 9.66 1.05 -1.35
N ARG A 114 8.90 1.79 -0.53
CA ARG A 114 9.27 1.99 0.86
C ARG A 114 8.94 0.77 1.70
N LEU A 115 8.04 -0.07 1.20
CA LEU A 115 7.72 -1.34 1.83
C LEU A 115 8.94 -2.27 1.81
N LYS A 116 9.45 -2.53 0.62
CA LYS A 116 10.58 -3.44 0.45
C LYS A 116 11.90 -2.70 0.64
N GLU A 82 0.04 7.86 6.50
CA GLU A 82 0.79 8.05 5.26
C GLU A 82 1.56 6.79 4.87
N ASP A 83 2.05 6.08 5.89
CA ASP A 83 2.80 4.85 5.66
C ASP A 83 1.85 3.65 5.53
N VAL A 84 1.21 3.55 4.37
CA VAL A 84 0.28 2.46 4.11
C VAL A 84 1.02 1.14 3.92
N TRP A 85 2.24 1.23 3.41
CA TRP A 85 3.06 0.04 3.15
C TRP A 85 3.21 -0.80 4.42
N GLU A 86 3.15 -0.15 5.57
CA GLU A 86 3.19 -0.84 6.85
C GLU A 86 1.98 -1.76 7.01
N ILE A 87 0.84 -1.32 6.48
CA ILE A 87 -0.35 -2.17 6.42
C ILE A 87 -0.20 -3.24 5.34
N LEU A 88 0.43 -2.88 4.24
CA LEU A 88 0.58 -3.78 3.11
C LEU A 88 1.53 -4.92 3.43
N ARG A 89 2.37 -4.72 4.45
CA ARG A 89 3.31 -5.74 4.88
C ARG A 89 2.61 -7.07 5.13
N GLN A 90 1.44 -7.00 5.75
CA GLN A 90 0.70 -8.20 6.14
C GLN A 90 -0.55 -8.40 5.30
N ALA A 91 -0.58 -7.77 4.13
CA ALA A 91 -1.72 -7.84 3.24
C ALA A 91 -1.37 -8.56 1.95
N PRO A 92 -2.35 -9.29 1.41
CA PRO A 92 -2.19 -9.92 0.10
C PRO A 92 -1.86 -8.90 -0.98
N PRO A 93 -1.17 -9.35 -2.02
CA PRO A 93 -0.76 -8.47 -3.11
C PRO A 93 -1.97 -7.96 -3.88
N SER A 94 -3.08 -8.67 -3.79
CA SER A 94 -4.31 -8.29 -4.47
C SER A 94 -5.00 -7.15 -3.74
N GLU A 95 -4.60 -6.91 -2.50
CA GLU A 95 -5.25 -5.91 -1.66
C GLU A 95 -4.44 -4.61 -1.64
N TYR A 96 -3.30 -4.62 -2.31
CA TYR A 96 -2.39 -3.47 -2.31
C TYR A 96 -3.07 -2.22 -2.85
N GLU A 97 -3.71 -2.36 -4.01
CA GLU A 97 -4.38 -1.24 -4.65
C GLU A 97 -5.56 -0.76 -3.82
N ARG A 98 -6.39 -1.70 -3.38
CA ARG A 98 -7.59 -1.36 -2.62
C ARG A 98 -7.25 -0.64 -1.33
N ILE A 99 -6.35 -1.24 -0.55
CA ILE A 99 -5.97 -0.67 0.75
C ILE A 99 -5.43 0.74 0.59
N ALA A 100 -4.51 0.93 -0.35
CA ALA A 100 -3.94 2.24 -0.63
C ALA A 100 -5.03 3.25 -0.95
N PHE A 101 -5.95 2.85 -1.83
CA PHE A 101 -7.02 3.74 -2.27
C PHE A 101 -7.92 4.15 -1.10
N GLN A 102 -8.12 3.22 -0.17
CA GLN A 102 -8.96 3.49 0.99
C GLN A 102 -8.33 4.55 1.89
N HIS A 103 -7.01 4.69 1.81
CA HIS A 103 -6.29 5.64 2.63
C HIS A 103 -6.00 6.92 1.86
N GLY A 104 -6.49 6.99 0.62
CA GLY A 104 -6.31 8.17 -0.21
C GLY A 104 -4.94 8.20 -0.86
N VAL A 105 -4.32 7.01 -0.98
CA VAL A 105 -3.01 6.89 -1.59
C VAL A 105 -3.11 6.29 -3.00
N THR A 106 -2.80 7.09 -4.01
CA THR A 106 -2.83 6.62 -5.39
C THR A 106 -1.45 6.18 -5.85
N ASP A 107 -0.42 6.64 -5.15
CA ASP A 107 0.96 6.25 -5.44
C ASP A 107 1.31 4.94 -4.75
N LEU A 108 0.79 3.83 -5.28
CA LEU A 108 1.07 2.51 -4.73
C LEU A 108 2.53 2.14 -4.89
N ARG A 109 3.10 2.48 -6.04
CA ARG A 109 4.49 2.18 -6.34
C ARG A 109 5.42 2.86 -5.32
N GLY A 110 5.03 4.05 -4.89
CA GLY A 110 5.73 4.72 -3.79
C GLY A 110 5.66 3.91 -2.51
N MET A 111 4.49 3.37 -2.21
CA MET A 111 4.31 2.50 -1.05
C MET A 111 5.07 1.19 -1.21
N LEU A 112 5.21 0.74 -2.45
CA LEU A 112 5.91 -0.50 -2.74
C LEU A 112 7.42 -0.33 -2.62
N LYS A 113 7.89 0.88 -2.93
CA LYS A 113 9.29 1.22 -2.72
C LYS A 113 9.62 1.35 -1.24
N ARG A 114 8.65 1.81 -0.46
CA ARG A 114 8.79 1.85 0.99
C ARG A 114 8.54 0.48 1.61
N LEU A 115 7.72 -0.32 0.94
CA LEU A 115 7.44 -1.68 1.40
C LEU A 115 8.68 -2.56 1.34
N LYS A 116 9.36 -2.53 0.20
CA LYS A 116 10.57 -3.33 0.01
C LYS A 116 11.80 -2.59 0.49
N GLU A 82 -1.16 3.33 11.31
CA GLU A 82 -1.60 2.47 10.22
C GLU A 82 -1.40 3.16 8.88
N ASP A 83 -0.15 3.22 8.42
CA ASP A 83 0.16 3.82 7.13
C ASP A 83 -0.12 2.86 5.99
N VAL A 84 -0.06 3.36 4.76
CA VAL A 84 -0.41 2.58 3.59
C VAL A 84 0.63 1.49 3.33
N TRP A 85 1.89 1.82 3.57
CA TRP A 85 2.98 0.86 3.42
C TRP A 85 3.14 0.00 4.66
N GLU A 86 2.66 0.51 5.79
CA GLU A 86 2.64 -0.25 7.04
C GLU A 86 1.67 -1.43 6.94
N ILE A 87 0.51 -1.17 6.35
CA ILE A 87 -0.49 -2.22 6.15
C ILE A 87 -0.10 -3.13 4.99
N LEU A 88 0.42 -2.52 3.92
CA LEU A 88 0.87 -3.28 2.75
C LEU A 88 1.85 -4.37 3.15
N ARG A 89 2.60 -4.13 4.22
CA ARG A 89 3.53 -5.13 4.75
C ARG A 89 2.82 -6.45 5.02
N GLN A 90 1.64 -6.37 5.64
CA GLN A 90 0.94 -7.56 6.08
C GLN A 90 -0.22 -7.89 5.15
N ALA A 91 -0.59 -6.94 4.31
CA ALA A 91 -1.70 -7.12 3.38
C ALA A 91 -1.26 -7.87 2.14
N PRO A 92 -2.21 -8.58 1.53
CA PRO A 92 -1.95 -9.27 0.27
C PRO A 92 -1.87 -8.29 -0.90
N PRO A 93 -1.02 -8.61 -1.88
CA PRO A 93 -0.85 -7.76 -3.04
C PRO A 93 -2.19 -7.47 -3.72
N SER A 94 -3.11 -8.42 -3.63
CA SER A 94 -4.39 -8.31 -4.33
C SER A 94 -5.25 -7.21 -3.74
N GLU A 95 -4.94 -6.82 -2.51
CA GLU A 95 -5.72 -5.82 -1.80
C GLU A 95 -4.90 -4.58 -1.50
N TYR A 96 -3.84 -4.37 -2.29
CA TYR A 96 -3.03 -3.16 -2.18
C TYR A 96 -3.80 -1.94 -2.68
N GLU A 97 -4.70 -2.16 -3.63
CA GLU A 97 -5.54 -1.09 -4.16
C GLU A 97 -6.59 -0.67 -3.13
N ARG A 98 -7.10 -1.63 -2.37
CA ARG A 98 -8.14 -1.37 -1.40
C ARG A 98 -7.61 -0.60 -0.20
N ILE A 99 -6.36 -0.87 0.16
CA ILE A 99 -5.69 -0.15 1.24
C ILE A 99 -5.25 1.24 0.79
N ALA A 100 -4.65 1.31 -0.39
CA ALA A 100 -4.20 2.58 -0.95
C ALA A 100 -5.37 3.53 -1.15
N PHE A 101 -6.52 2.98 -1.53
CA PHE A 101 -7.73 3.78 -1.70
C PHE A 101 -8.04 4.59 -0.45
N GLN A 102 -7.93 3.94 0.71
CA GLN A 102 -8.30 4.57 1.97
C GLN A 102 -7.33 5.69 2.33
N HIS A 103 -6.10 5.58 1.85
CA HIS A 103 -5.06 6.55 2.19
C HIS A 103 -4.94 7.61 1.11
N GLY A 104 -5.65 7.41 0.01
CA GLY A 104 -5.63 8.36 -1.11
C GLY A 104 -4.37 8.19 -1.95
N VAL A 105 -3.81 6.99 -1.93
CA VAL A 105 -2.58 6.70 -2.66
C VAL A 105 -2.87 6.09 -4.03
N THR A 106 -2.26 6.67 -5.05
CA THR A 106 -2.52 6.23 -6.43
C THR A 106 -1.27 5.64 -7.06
N ASP A 107 -0.21 5.52 -6.26
CA ASP A 107 1.07 5.02 -6.75
C ASP A 107 1.61 3.92 -5.85
N LEU A 108 1.28 2.67 -6.19
CA LEU A 108 1.70 1.52 -5.41
C LEU A 108 3.18 1.22 -5.62
N ARG A 109 3.70 1.65 -6.76
CA ARG A 109 5.12 1.47 -7.07
C ARG A 109 5.99 2.37 -6.20
N GLY A 110 5.51 3.57 -5.93
CA GLY A 110 6.17 4.48 -5.00
C GLY A 110 6.14 3.92 -3.58
N MET A 111 5.03 3.27 -3.23
CA MET A 111 4.91 2.62 -1.94
C MET A 111 5.73 1.34 -1.88
N LEU A 112 5.89 0.69 -3.03
CA LEU A 112 6.73 -0.49 -3.13
C LEU A 112 8.19 -0.18 -2.80
N LYS A 113 8.62 1.02 -3.20
CA LYS A 113 9.94 1.52 -2.82
C LYS A 113 10.07 1.65 -1.30
N ARG A 114 8.96 1.98 -0.65
CA ARG A 114 8.92 2.04 0.81
C ARG A 114 8.87 0.65 1.41
N LEU A 115 8.27 -0.28 0.68
CA LEU A 115 8.19 -1.67 1.12
C LEU A 115 9.54 -2.37 0.98
N LYS A 116 10.32 -1.93 0.00
CA LYS A 116 11.65 -2.51 -0.23
C LYS A 116 12.72 -1.77 0.57
#